data_5BY7
#
_entry.id   5BY7
#
_cell.length_a   176.710
_cell.length_b   58.690
_cell.length_c   128.800
_cell.angle_alpha   90.00
_cell.angle_beta   95.43
_cell.angle_gamma   90.00
#
_symmetry.space_group_name_H-M   'C 1 2 1'
#
loop_
_entity.id
_entity.type
_entity.pdbx_description
1 polymer '3-oxoacyl-ACP synthase III'
2 water water
#
_entity_poly.entity_id   1
_entity_poly.type   'polypeptide(L)'
_entity_poly.pdbx_seq_one_letter_code
;MAHHHHHHSSGLEVLFQGPMTRTVSVLSAASALPGPTVDNATLGRRLGMDRLWEQWVDAFIGTRTRHLAVDLDSGEIRHT
LADLAHQAGSRALDAAGVTPEEVDLVVLGTATPDRLMPTTATVVADRLGIDGVPAYQLQSGCSGAVQALAVTRSLLLGGT
ARTALVLGGDVVARFYDLTADLRKLPPAEFVNYVLFGDGVGAAVLRVGEVAGAAALRSVFTRLVGLGREPGATLEWFGPT
EDRNRPAATEDYKAIERHVPDLAAEVVEELLGELGWARDDLDYVLPPQLSGRMTALIVERLKLPQATEVSCVAETGNNGN
GIVFLQLERALARLAGGQRALGVSIESSKWIKSGFALEGL
;
_entity_poly.pdbx_strand_id   A,B,C,D
#
# COMPACT_ATOMS: atom_id res chain seq x y z
N THR A 23 -5.55 -37.90 -14.70
CA THR A 23 -4.37 -37.84 -13.79
C THR A 23 -3.19 -37.39 -14.62
N VAL A 24 -2.26 -36.73 -13.96
CA VAL A 24 -0.95 -36.39 -14.53
C VAL A 24 0.04 -36.87 -13.46
N SER A 25 1.18 -37.39 -13.88
CA SER A 25 2.24 -37.89 -13.05
C SER A 25 3.50 -37.05 -13.11
N VAL A 26 4.14 -36.91 -11.95
CA VAL A 26 5.45 -36.21 -11.85
C VAL A 26 6.51 -37.29 -11.93
N LEU A 27 7.22 -37.28 -13.03
CA LEU A 27 8.26 -38.31 -13.30
C LEU A 27 9.59 -38.08 -12.55
N SER A 28 9.91 -36.82 -12.32
CA SER A 28 11.17 -36.48 -11.68
C SER A 28 11.11 -35.03 -11.32
N ALA A 29 12.03 -34.65 -10.42
CA ALA A 29 12.29 -33.24 -10.13
C ALA A 29 13.77 -33.11 -9.78
N ALA A 30 14.31 -31.93 -10.05
CA ALA A 30 15.75 -31.70 -9.84
C ALA A 30 15.95 -30.23 -9.56
N SER A 31 17.12 -29.92 -9.03
CA SER A 31 17.45 -28.54 -8.73
C SER A 31 18.84 -28.16 -9.21
N ALA A 32 19.04 -26.86 -9.33
CA ALA A 32 20.32 -26.27 -9.63
C ALA A 32 20.53 -25.06 -8.73
N LEU A 33 21.50 -25.19 -7.85
CA LEU A 33 21.86 -24.14 -6.82
C LEU A 33 23.23 -23.57 -7.14
N PRO A 34 23.33 -22.24 -7.26
CA PRO A 34 24.60 -21.68 -7.77
C PRO A 34 25.70 -21.65 -6.71
N GLY A 35 26.88 -22.05 -7.11
CA GLY A 35 28.08 -21.84 -6.28
C GLY A 35 28.07 -22.60 -4.98
N PRO A 36 28.96 -22.18 -4.07
CA PRO A 36 29.09 -22.88 -2.81
C PRO A 36 27.95 -22.59 -1.82
N THR A 37 27.77 -23.46 -0.87
CA THR A 37 26.87 -23.21 0.24
C THR A 37 27.54 -22.10 1.04
N VAL A 38 26.80 -21.08 1.40
CA VAL A 38 27.32 -19.93 2.13
C VAL A 38 26.69 -19.93 3.51
N ASP A 39 27.49 -20.23 4.53
CA ASP A 39 26.98 -20.23 5.88
C ASP A 39 26.95 -18.79 6.50
N ASN A 40 26.21 -18.67 7.57
CA ASN A 40 26.01 -17.40 8.26
C ASN A 40 27.30 -16.77 8.74
N ALA A 41 28.24 -17.60 9.19
CA ALA A 41 29.53 -16.99 9.67
C ALA A 41 30.34 -16.46 8.48
N THR A 42 30.32 -17.16 7.34
CA THR A 42 31.00 -16.67 6.15
C THR A 42 30.40 -15.34 5.62
N LEU A 43 29.08 -15.34 5.55
CA LEU A 43 28.30 -14.15 5.19
C LEU A 43 28.59 -12.94 6.15
N GLY A 44 28.58 -13.21 7.44
CA GLY A 44 28.96 -12.25 8.48
C GLY A 44 30.36 -11.70 8.25
N ARG A 45 31.34 -12.56 7.98
CA ARG A 45 32.74 -12.09 7.72
C ARG A 45 32.75 -11.17 6.54
N ARG A 46 31.96 -11.52 5.53
CA ARG A 46 31.92 -10.71 4.36
C ARG A 46 31.36 -9.32 4.63
N LEU A 47 30.28 -9.26 5.39
CA LEU A 47 29.55 -8.06 5.64
C LEU A 47 30.12 -7.26 6.83
N GLY A 48 31.06 -7.86 7.53
CA GLY A 48 31.73 -7.26 8.71
C GLY A 48 30.92 -7.38 9.98
N MET A 49 30.08 -8.42 10.12
CA MET A 49 29.23 -8.59 11.28
C MET A 49 30.00 -9.36 12.36
N ASP A 50 29.44 -9.43 13.55
CA ASP A 50 30.08 -10.13 14.69
C ASP A 50 29.29 -11.32 15.14
N ARG A 51 29.79 -12.01 16.16
CA ARG A 51 29.15 -13.17 16.63
C ARG A 51 27.79 -12.90 17.19
N LEU A 52 27.61 -11.74 17.85
CA LEU A 52 26.28 -11.47 18.39
C LEU A 52 25.19 -11.45 17.26
N TRP A 53 25.60 -10.95 16.11
CA TRP A 53 24.72 -10.89 14.90
C TRP A 53 24.40 -12.33 14.47
N GLU A 54 25.38 -13.18 14.39
CA GLU A 54 25.09 -14.58 14.04
C GLU A 54 24.10 -15.26 14.98
N GLN A 55 24.24 -15.00 16.25
CA GLN A 55 23.32 -15.50 17.23
C GLN A 55 21.91 -14.93 17.09
N TRP A 56 21.79 -13.66 16.71
CA TRP A 56 20.50 -13.05 16.42
C TRP A 56 19.84 -13.73 15.19
N VAL A 57 20.65 -13.98 14.16
CA VAL A 57 20.09 -14.72 12.98
C VAL A 57 19.58 -16.08 13.43
N ASP A 58 20.36 -16.81 14.24
CA ASP A 58 19.89 -18.11 14.75
C ASP A 58 18.62 -18.04 15.54
N ALA A 59 18.48 -17.01 16.37
CA ALA A 59 17.31 -16.81 17.17
C ALA A 59 16.07 -16.44 16.36
N PHE A 60 16.21 -15.44 15.52
CA PHE A 60 14.99 -14.89 14.90
C PHE A 60 14.72 -15.46 13.52
N ILE A 61 15.74 -15.98 12.86
CA ILE A 61 15.64 -16.34 11.42
C ILE A 61 15.75 -17.84 11.25
N GLY A 62 16.81 -18.41 11.76
CA GLY A 62 17.00 -19.81 11.74
C GLY A 62 17.39 -20.38 10.38
N THR A 63 17.78 -19.53 9.46
CA THR A 63 18.30 -19.99 8.15
C THR A 63 19.80 -20.06 8.35
N ARG A 64 20.42 -21.21 8.07
CA ARG A 64 21.83 -21.49 8.41
C ARG A 64 22.74 -21.30 7.20
N THR A 65 22.25 -21.62 6.00
CA THR A 65 23.04 -21.53 4.77
C THR A 65 22.15 -21.15 3.60
N ARG A 66 22.77 -20.64 2.56
CA ARG A 66 22.08 -20.34 1.32
C ARG A 66 23.03 -20.42 0.17
N HIS A 67 22.49 -20.46 -1.03
CA HIS A 67 23.27 -20.26 -2.24
C HIS A 67 22.94 -18.90 -2.87
N LEU A 68 23.96 -18.27 -3.40
CA LEU A 68 23.93 -16.97 -4.11
C LEU A 68 24.49 -17.05 -5.49
N ALA A 69 23.93 -16.27 -6.42
CA ALA A 69 24.40 -16.27 -7.82
C ALA A 69 25.64 -15.41 -8.01
N VAL A 70 26.05 -14.73 -6.94
CA VAL A 70 27.29 -13.95 -6.91
C VAL A 70 28.41 -14.65 -6.18
N ASP A 71 29.63 -14.33 -6.58
CA ASP A 71 30.82 -14.72 -5.88
C ASP A 71 30.92 -13.81 -4.66
N LEU A 72 31.03 -14.38 -3.49
CA LEU A 72 30.80 -13.60 -2.28
C LEU A 72 31.89 -12.51 -2.13
N ASP A 73 33.13 -12.92 -2.42
CA ASP A 73 34.29 -12.06 -2.17
C ASP A 73 34.26 -10.84 -3.04
N SER A 74 34.07 -11.03 -4.36
CA SER A 74 34.03 -9.92 -5.33
C SER A 74 32.69 -9.24 -5.51
N GLY A 75 31.62 -9.99 -5.26
CA GLY A 75 30.27 -9.50 -5.57
C GLY A 75 29.91 -9.57 -7.04
N GLU A 76 30.78 -10.21 -7.86
CA GLU A 76 30.55 -10.46 -9.26
C GLU A 76 29.46 -11.53 -9.49
N ILE A 77 28.57 -11.28 -10.45
CA ILE A 77 27.56 -12.30 -10.81
C ILE A 77 28.23 -13.48 -11.54
N ARG A 78 27.96 -14.70 -11.11
CA ARG A 78 28.53 -15.88 -11.70
C ARG A 78 27.51 -16.76 -12.41
N HIS A 79 26.23 -16.56 -12.10
CA HIS A 79 25.16 -17.46 -12.60
C HIS A 79 23.98 -16.64 -12.94
N THR A 80 23.36 -16.96 -14.07
CA THR A 80 22.12 -16.37 -14.44
C THR A 80 20.94 -17.35 -14.22
N LEU A 81 19.74 -16.77 -14.17
CA LEU A 81 18.51 -17.61 -14.11
C LEU A 81 18.50 -18.67 -15.26
N ALA A 82 18.83 -18.25 -16.47
CA ALA A 82 18.85 -19.14 -17.62
C ALA A 82 19.90 -20.26 -17.50
N ASP A 83 21.07 -19.89 -16.95
CA ASP A 83 22.11 -20.93 -16.68
C ASP A 83 21.61 -21.98 -15.73
N LEU A 84 21.01 -21.52 -14.64
CA LEU A 84 20.50 -22.39 -13.63
C LEU A 84 19.32 -23.23 -14.10
N ALA A 85 18.46 -22.62 -14.88
CA ALA A 85 17.31 -23.34 -15.40
C ALA A 85 17.74 -24.38 -16.40
N HIS A 86 18.76 -24.09 -17.19
CA HIS A 86 19.34 -25.08 -18.10
C HIS A 86 19.84 -26.28 -17.35
N GLN A 87 20.57 -26.03 -16.24
CA GLN A 87 21.09 -27.11 -15.43
C GLN A 87 20.00 -27.91 -14.81
N ALA A 88 19.02 -27.25 -14.23
CA ALA A 88 17.95 -27.96 -13.52
C ALA A 88 17.06 -28.77 -14.48
N GLY A 89 16.78 -28.16 -15.58
CA GLY A 89 15.99 -28.84 -16.63
C GLY A 89 16.69 -30.09 -17.16
N SER A 90 17.99 -29.96 -17.45
CA SER A 90 18.82 -31.09 -17.94
C SER A 90 18.80 -32.20 -16.91
N ARG A 91 19.00 -31.87 -15.63
CA ARG A 91 18.94 -32.82 -14.56
C ARG A 91 17.58 -33.54 -14.41
N ALA A 92 16.50 -32.79 -14.51
CA ALA A 92 15.19 -33.35 -14.44
C ALA A 92 14.88 -34.28 -15.62
N LEU A 93 15.28 -33.87 -16.80
CA LEU A 93 15.02 -34.71 -18.02
C LEU A 93 15.78 -36.05 -17.90
N ASP A 94 17.03 -35.94 -17.49
CA ASP A 94 17.90 -37.18 -17.25
C ASP A 94 17.32 -38.06 -16.23
N ALA A 95 16.87 -37.48 -15.12
CA ALA A 95 16.31 -38.22 -14.03
C ALA A 95 15.02 -38.93 -14.49
N ALA A 96 14.26 -38.32 -15.42
CA ALA A 96 12.99 -38.92 -15.84
C ALA A 96 13.21 -39.90 -17.00
N GLY A 97 14.42 -39.89 -17.57
CA GLY A 97 14.69 -40.67 -18.77
C GLY A 97 14.03 -40.15 -20.00
N VAL A 98 13.86 -38.83 -20.10
CA VAL A 98 13.17 -38.17 -21.22
C VAL A 98 14.17 -37.31 -21.97
N THR A 99 14.20 -37.41 -23.30
CA THR A 99 15.07 -36.59 -24.13
C THR A 99 14.38 -35.22 -24.46
N PRO A 100 15.16 -34.22 -24.83
CA PRO A 100 14.57 -32.92 -25.11
C PRO A 100 13.58 -32.96 -26.30
N GLU A 101 13.86 -33.85 -27.24
CA GLU A 101 13.07 -34.00 -28.40
C GLU A 101 11.68 -34.58 -28.02
N GLU A 102 11.53 -35.28 -26.90
CA GLU A 102 10.26 -35.84 -26.43
C GLU A 102 9.39 -34.87 -25.62
N VAL A 103 9.94 -33.70 -25.29
CA VAL A 103 9.14 -32.72 -24.50
C VAL A 103 8.17 -31.97 -25.43
N ASP A 104 6.91 -31.84 -24.99
CA ASP A 104 5.86 -31.26 -25.77
C ASP A 104 5.37 -29.90 -25.29
N LEU A 105 5.93 -29.42 -24.20
CA LEU A 105 5.38 -28.19 -23.50
C LEU A 105 6.46 -27.78 -22.52
N VAL A 106 6.71 -26.47 -22.40
CA VAL A 106 7.57 -25.91 -21.37
C VAL A 106 6.80 -24.81 -20.64
N VAL A 107 6.87 -24.83 -19.32
CA VAL A 107 6.23 -23.76 -18.50
C VAL A 107 7.19 -23.41 -17.38
N LEU A 108 7.47 -22.11 -17.26
CA LEU A 108 8.45 -21.64 -16.26
C LEU A 108 7.78 -20.57 -15.45
N GLY A 109 8.04 -20.59 -14.16
CA GLY A 109 7.53 -19.59 -13.22
C GLY A 109 8.70 -18.86 -12.56
N THR A 110 8.67 -17.54 -12.58
CA THR A 110 9.72 -16.71 -11.96
C THR A 110 9.18 -15.31 -11.64
N ALA A 111 9.80 -14.64 -10.68
CA ALA A 111 9.64 -13.24 -10.49
C ALA A 111 10.75 -12.41 -11.10
N THR A 112 11.83 -13.07 -11.49
CA THR A 112 13.08 -12.40 -11.84
C THR A 112 13.67 -12.91 -13.17
N PRO A 113 12.96 -12.75 -14.29
CA PRO A 113 13.50 -13.25 -15.52
C PRO A 113 14.75 -12.49 -15.90
N ASP A 114 15.61 -13.19 -16.66
CA ASP A 114 16.83 -12.51 -17.10
C ASP A 114 16.61 -11.18 -17.76
N ARG A 115 15.64 -11.15 -18.66
CA ARG A 115 15.23 -9.97 -19.42
C ARG A 115 13.72 -9.98 -19.42
N LEU A 116 13.12 -8.91 -19.84
CA LEU A 116 11.66 -8.89 -20.19
C LEU A 116 11.32 -9.68 -21.44
N MET A 117 12.16 -9.57 -22.47
CA MET A 117 12.09 -10.44 -23.61
C MET A 117 13.47 -10.57 -24.27
N PRO A 118 13.75 -11.73 -24.87
CA PRO A 118 12.92 -12.95 -24.81
C PRO A 118 12.80 -13.53 -23.41
N THR A 119 11.79 -14.38 -23.24
CA THR A 119 11.60 -14.99 -21.95
C THR A 119 12.65 -16.05 -21.64
N THR A 120 12.86 -16.26 -20.35
CA THR A 120 13.69 -17.36 -19.88
C THR A 120 13.20 -18.72 -20.37
N ALA A 121 11.89 -18.84 -20.46
CA ALA A 121 11.29 -20.10 -20.94
C ALA A 121 11.79 -20.41 -22.31
N THR A 122 11.74 -19.43 -23.21
CA THR A 122 12.21 -19.71 -24.60
C THR A 122 13.70 -19.87 -24.74
N VAL A 123 14.46 -19.09 -23.97
CA VAL A 123 15.89 -19.19 -23.94
C VAL A 123 16.36 -20.54 -23.40
N VAL A 124 15.78 -20.98 -22.31
CA VAL A 124 16.14 -22.26 -21.74
C VAL A 124 15.69 -23.42 -22.67
N ALA A 125 14.50 -23.30 -23.29
CA ALA A 125 14.13 -24.30 -24.30
C ALA A 125 15.25 -24.46 -25.34
N ASP A 126 15.74 -23.35 -25.88
CA ASP A 126 16.87 -23.34 -26.87
C ASP A 126 18.05 -24.09 -26.32
N ARG A 127 18.49 -23.75 -25.08
CA ARG A 127 19.65 -24.36 -24.51
C ARG A 127 19.52 -25.86 -24.30
N LEU A 128 18.29 -26.32 -24.07
CA LEU A 128 18.04 -27.70 -23.85
C LEU A 128 17.85 -28.53 -25.12
N GLY A 129 17.60 -27.87 -26.23
CA GLY A 129 17.28 -28.50 -27.52
C GLY A 129 15.80 -28.75 -27.73
N ILE A 130 14.95 -28.08 -26.95
CA ILE A 130 13.51 -28.24 -27.00
C ILE A 130 13.01 -27.24 -27.97
N ASP A 131 12.19 -27.68 -28.91
CA ASP A 131 11.67 -26.74 -29.94
C ASP A 131 10.33 -27.28 -30.47
N GLY A 132 9.53 -26.42 -31.06
CA GLY A 132 8.30 -26.86 -31.68
C GLY A 132 7.21 -27.16 -30.70
N VAL A 133 7.22 -26.43 -29.61
CA VAL A 133 6.30 -26.63 -28.47
C VAL A 133 5.83 -25.27 -27.97
N PRO A 134 4.69 -25.25 -27.31
CA PRO A 134 4.31 -24.04 -26.58
C PRO A 134 5.30 -23.89 -25.39
N ALA A 135 5.72 -22.65 -25.15
CA ALA A 135 6.70 -22.27 -24.10
C ALA A 135 6.15 -21.05 -23.32
N TYR A 136 5.59 -21.29 -22.14
CA TYR A 136 4.90 -20.26 -21.38
C TYR A 136 5.75 -19.84 -20.17
N GLN A 137 5.73 -18.56 -19.90
CA GLN A 137 6.39 -18.05 -18.70
C GLN A 137 5.41 -17.26 -17.85
N LEU A 138 5.27 -17.70 -16.60
CA LEU A 138 4.46 -17.06 -15.59
C LEU A 138 5.32 -16.12 -14.76
N GLN A 139 4.80 -14.94 -14.46
CA GLN A 139 5.44 -13.94 -13.61
C GLN A 139 4.68 -14.00 -12.30
N SER A 140 5.37 -14.28 -11.21
CA SER A 140 4.76 -14.25 -9.86
C SER A 140 5.83 -14.41 -8.85
N GLY A 141 5.47 -14.18 -7.60
CA GLY A 141 6.27 -14.59 -6.48
C GLY A 141 6.12 -16.07 -6.29
N CYS A 142 6.33 -16.55 -5.09
CA CYS A 142 6.59 -17.99 -4.85
C CYS A 142 5.51 -18.98 -5.31
N SER A 143 4.27 -18.55 -5.36
CA SER A 143 3.20 -19.41 -5.87
C SER A 143 3.21 -19.61 -7.40
N GLY A 144 4.11 -18.94 -8.15
CA GLY A 144 4.27 -19.17 -9.61
C GLY A 144 4.57 -20.63 -9.85
N ALA A 145 5.32 -21.26 -8.98
CA ALA A 145 5.60 -22.71 -9.16
C ALA A 145 4.36 -23.60 -9.19
N VAL A 146 3.42 -23.34 -8.28
CA VAL A 146 2.20 -24.07 -8.25
C VAL A 146 1.29 -23.64 -9.40
N GLN A 147 1.26 -22.34 -9.72
CA GLN A 147 0.61 -21.90 -10.95
C GLN A 147 1.11 -22.63 -12.16
N ALA A 148 2.44 -22.79 -12.27
CA ALA A 148 2.99 -23.51 -13.41
C ALA A 148 2.51 -24.99 -13.44
N LEU A 149 2.44 -25.64 -12.27
CA LEU A 149 1.90 -26.99 -12.14
C LEU A 149 0.45 -27.08 -12.60
N ALA A 150 -0.35 -26.07 -12.23
CA ALA A 150 -1.78 -26.04 -12.58
C ALA A 150 -2.01 -25.83 -14.05
N VAL A 151 -1.26 -24.92 -14.64
CA VAL A 151 -1.41 -24.61 -16.02
C VAL A 151 -0.94 -25.83 -16.82
N THR A 152 0.14 -26.43 -16.38
CA THR A 152 0.71 -27.61 -17.11
C THR A 152 -0.28 -28.78 -17.06
N ARG A 153 -0.81 -29.04 -15.91
CA ARG A 153 -1.80 -30.12 -15.75
C ARG A 153 -2.96 -29.93 -16.73
N SER A 154 -3.43 -28.71 -16.79
CA SER A 154 -4.58 -28.45 -17.66
C SER A 154 -4.22 -28.67 -19.12
N LEU A 155 -3.05 -28.18 -19.50
CA LEU A 155 -2.63 -28.37 -20.91
C LEU A 155 -2.32 -29.82 -21.26
N LEU A 156 -1.77 -30.58 -20.32
CA LEU A 156 -1.51 -32.00 -20.60
C LEU A 156 -2.85 -32.75 -20.74
N LEU A 157 -3.79 -32.40 -19.94
CA LEU A 157 -5.08 -33.18 -19.94
C LEU A 157 -5.93 -32.78 -21.11
N GLY A 158 -5.80 -31.55 -21.59
CA GLY A 158 -6.73 -30.96 -22.55
C GLY A 158 -6.36 -31.17 -23.99
N GLY A 159 -5.11 -31.52 -24.31
CA GLY A 159 -4.62 -31.44 -25.70
C GLY A 159 -3.73 -32.61 -26.04
N THR A 160 -2.98 -32.51 -27.13
CA THR A 160 -2.16 -33.64 -27.65
C THR A 160 -0.86 -33.80 -26.85
N ALA A 161 -0.44 -32.76 -26.16
CA ALA A 161 0.85 -32.81 -25.38
C ALA A 161 0.79 -33.91 -24.36
N ARG A 162 1.86 -34.70 -24.30
CA ARG A 162 2.00 -35.76 -23.35
C ARG A 162 3.03 -35.55 -22.26
N THR A 163 4.09 -34.81 -22.57
CA THR A 163 5.24 -34.65 -21.65
C THR A 163 5.54 -33.13 -21.53
N ALA A 164 5.74 -32.68 -20.29
CA ALA A 164 6.07 -31.24 -20.06
C ALA A 164 7.25 -31.13 -19.16
N LEU A 165 8.06 -30.13 -19.42
CA LEU A 165 9.10 -29.67 -18.51
C LEU A 165 8.58 -28.41 -17.80
N VAL A 166 8.58 -28.40 -16.47
CA VAL A 166 8.05 -27.29 -15.66
C VAL A 166 9.21 -26.84 -14.81
N LEU A 167 9.46 -25.54 -14.80
CA LEU A 167 10.58 -24.97 -14.06
C LEU A 167 10.16 -23.83 -13.22
N GLY A 168 10.88 -23.62 -12.14
CA GLY A 168 10.64 -22.36 -11.36
C GLY A 168 11.91 -21.97 -10.65
N GLY A 169 12.14 -20.67 -10.52
CA GLY A 169 13.32 -20.24 -9.76
C GLY A 169 13.40 -18.77 -9.75
N ASP A 170 14.41 -18.32 -9.04
CA ASP A 170 14.64 -16.85 -8.93
C ASP A 170 16.11 -16.61 -8.70
N VAL A 171 16.56 -15.48 -9.26
CA VAL A 171 17.93 -14.94 -9.00
C VAL A 171 17.69 -13.44 -8.69
N VAL A 172 18.00 -13.06 -7.47
CA VAL A 172 17.78 -11.70 -7.02
C VAL A 172 19.10 -10.88 -6.82
N ALA A 173 20.21 -11.32 -7.44
CA ALA A 173 21.50 -10.57 -7.43
C ALA A 173 21.37 -9.10 -7.86
N ARG A 174 20.41 -8.75 -8.70
CA ARG A 174 20.17 -7.31 -9.04
C ARG A 174 19.67 -6.45 -7.87
N PHE A 175 19.24 -7.11 -6.80
CA PHE A 175 18.59 -6.49 -5.64
C PHE A 175 19.45 -6.54 -4.42
N TYR A 176 20.64 -7.14 -4.50
CA TYR A 176 21.54 -7.10 -3.32
C TYR A 176 22.92 -6.70 -3.70
N ASP A 177 23.66 -6.17 -2.73
CA ASP A 177 25.01 -5.77 -3.00
C ASP A 177 25.83 -6.11 -1.81
N LEU A 178 26.54 -7.24 -1.91
CA LEU A 178 27.30 -7.84 -0.80
C LEU A 178 28.52 -6.96 -0.44
N THR A 179 28.89 -6.06 -1.36
CA THR A 179 29.96 -5.09 -1.18
C THR A 179 29.51 -3.78 -0.50
N ALA A 180 28.23 -3.61 -0.13
CA ALA A 180 27.79 -2.36 0.52
C ALA A 180 28.07 -2.38 2.04
N ASP A 181 28.03 -1.18 2.62
CA ASP A 181 28.40 -0.95 4.02
C ASP A 181 27.16 -1.08 4.91
N LEU A 182 26.99 -2.27 5.47
CA LEU A 182 25.86 -2.59 6.33
C LEU A 182 26.23 -2.66 7.83
N ARG A 183 27.53 -2.59 8.14
CA ARG A 183 28.07 -2.83 9.49
C ARG A 183 27.40 -1.96 10.60
N LYS A 184 27.01 -0.73 10.25
CA LYS A 184 26.38 0.16 11.23
C LYS A 184 24.84 0.01 11.37
N LEU A 185 24.18 -0.67 10.42
CA LEU A 185 22.71 -0.70 10.38
C LEU A 185 22.10 -1.64 11.45
N PRO A 186 20.86 -1.33 11.91
CA PRO A 186 20.15 -2.26 12.80
C PRO A 186 19.93 -3.62 11.99
N PRO A 187 20.11 -4.81 12.63
CA PRO A 187 20.03 -6.06 11.81
C PRO A 187 18.70 -6.22 11.09
N ALA A 188 17.62 -5.74 11.71
CA ALA A 188 16.31 -5.72 11.02
C ALA A 188 16.34 -5.04 9.66
N GLU A 189 17.16 -4.01 9.49
CA GLU A 189 17.20 -3.23 8.24
C GLU A 189 17.76 -3.97 7.04
N PHE A 190 18.55 -5.05 7.26
CA PHE A 190 19.09 -5.80 6.14
C PHE A 190 18.86 -7.31 6.30
N VAL A 191 17.78 -7.66 6.98
CA VAL A 191 17.47 -9.04 7.30
C VAL A 191 17.23 -9.85 6.04
N ASN A 192 16.83 -9.16 4.94
CA ASN A 192 16.69 -9.85 3.63
C ASN A 192 17.94 -10.59 3.24
N TYR A 193 19.09 -10.02 3.60
CA TYR A 193 20.38 -10.64 3.25
C TYR A 193 20.60 -12.05 3.83
N VAL A 194 19.93 -12.36 4.93
CA VAL A 194 19.94 -13.68 5.50
C VAL A 194 18.78 -14.55 5.14
N LEU A 195 17.81 -14.02 4.40
CA LEU A 195 16.56 -14.77 4.14
C LEU A 195 16.59 -15.42 2.75
N PHE A 196 17.08 -14.68 1.78
CA PHE A 196 16.95 -15.06 0.36
C PHE A 196 18.01 -16.03 -0.07
N GLY A 197 17.72 -16.74 -1.15
CA GLY A 197 18.69 -17.54 -1.79
C GLY A 197 18.37 -17.48 -3.29
N ASP A 198 19.34 -17.86 -4.10
CA ASP A 198 19.18 -17.94 -5.57
C ASP A 198 19.14 -19.42 -5.96
N GLY A 199 18.29 -19.78 -6.94
CA GLY A 199 18.22 -21.22 -7.34
C GLY A 199 17.05 -21.44 -8.27
N VAL A 200 17.12 -22.55 -8.99
CA VAL A 200 16.06 -22.97 -9.94
C VAL A 200 15.81 -24.45 -9.72
N GLY A 201 14.55 -24.88 -9.85
CA GLY A 201 14.30 -26.29 -9.97
C GLY A 201 13.39 -26.60 -11.11
N ALA A 202 13.27 -27.88 -11.36
CA ALA A 202 12.49 -28.33 -12.53
C ALA A 202 11.83 -29.65 -12.26
N ALA A 203 10.74 -29.91 -12.98
CA ALA A 203 10.06 -31.20 -12.85
C ALA A 203 9.55 -31.62 -14.23
N VAL A 204 9.47 -32.95 -14.43
CA VAL A 204 8.97 -33.49 -15.70
C VAL A 204 7.59 -34.09 -15.33
N LEU A 205 6.57 -33.73 -16.08
CA LEU A 205 5.19 -34.16 -15.91
C LEU A 205 4.78 -34.93 -17.19
N ARG A 206 4.01 -35.97 -16.93
CA ARG A 206 3.49 -36.81 -18.01
C ARG A 206 2.00 -37.07 -17.79
N VAL A 207 1.26 -37.00 -18.88
CA VAL A 207 -0.19 -37.24 -18.84
C VAL A 207 -0.38 -38.70 -18.42
N GLY A 208 -1.39 -38.92 -17.61
CA GLY A 208 -1.78 -40.25 -17.21
C GLY A 208 -1.04 -40.78 -16.02
N GLU A 209 -1.46 -41.95 -15.56
CA GLU A 209 -0.84 -42.62 -14.41
C GLU A 209 0.39 -43.33 -14.85
N VAL A 210 1.52 -43.12 -14.15
CA VAL A 210 2.75 -43.75 -14.53
C VAL A 210 3.30 -44.51 -13.33
N ALA A 211 3.47 -45.83 -13.47
CA ALA A 211 3.95 -46.65 -12.36
C ALA A 211 5.34 -46.13 -11.86
N GLY A 212 5.48 -46.10 -10.56
CA GLY A 212 6.66 -45.65 -9.93
C GLY A 212 6.77 -44.13 -9.86
N ALA A 213 5.88 -43.40 -10.49
CA ALA A 213 5.88 -41.91 -10.43
C ALA A 213 4.99 -41.46 -9.28
N ALA A 214 4.80 -40.13 -9.15
CA ALA A 214 3.87 -39.59 -8.20
C ALA A 214 2.69 -38.94 -8.95
N ALA A 215 1.46 -39.33 -8.62
CA ALA A 215 0.27 -38.78 -9.25
C ALA A 215 0.03 -37.38 -8.63
N LEU A 216 -0.21 -36.43 -9.49
CA LEU A 216 -0.58 -35.05 -9.04
C LEU A 216 -2.12 -35.11 -8.94
N ARG A 217 -2.60 -35.44 -7.77
CA ARG A 217 -4.01 -35.71 -7.50
C ARG A 217 -4.86 -34.46 -7.47
N SER A 218 -4.30 -33.37 -6.95
CA SER A 218 -5.02 -32.08 -7.04
C SER A 218 -4.00 -30.93 -7.07
N VAL A 219 -4.45 -29.83 -7.61
CA VAL A 219 -3.59 -28.62 -7.56
C VAL A 219 -4.47 -27.41 -7.74
N PHE A 220 -4.25 -26.35 -6.98
CA PHE A 220 -5.07 -25.19 -7.15
C PHE A 220 -4.32 -23.94 -6.73
N THR A 221 -4.80 -22.83 -7.25
CA THR A 221 -4.29 -21.48 -6.81
C THR A 221 -5.46 -20.55 -6.67
N ARG A 222 -5.38 -19.61 -5.76
CA ARG A 222 -6.47 -18.72 -5.55
C ARG A 222 -6.04 -17.37 -4.90
N LEU A 223 -6.39 -16.29 -5.56
CA LEU A 223 -6.12 -14.94 -5.03
C LEU A 223 -7.13 -14.62 -3.98
N VAL A 224 -6.67 -14.26 -2.78
CA VAL A 224 -7.58 -13.89 -1.73
C VAL A 224 -7.24 -12.52 -1.13
N GLY A 225 -6.62 -11.67 -1.91
CA GLY A 225 -6.08 -10.42 -1.39
C GLY A 225 -7.01 -9.21 -1.55
N LEU A 226 -8.30 -9.36 -1.89
CA LEU A 226 -9.13 -8.21 -2.25
C LEU A 226 -9.04 -7.17 -1.11
N GLY A 227 -8.71 -5.96 -1.47
CA GLY A 227 -8.65 -4.84 -0.53
C GLY A 227 -7.48 -4.85 0.40
N ARG A 228 -6.57 -5.81 0.27
CA ARG A 228 -5.46 -5.92 1.23
C ARG A 228 -4.23 -5.31 0.69
N GLU A 229 -3.45 -4.73 1.57
CA GLU A 229 -2.16 -4.19 1.24
C GLU A 229 -1.24 -5.36 0.81
N PRO A 230 -0.40 -5.15 -0.20
CA PRO A 230 0.61 -6.18 -0.54
C PRO A 230 1.46 -6.56 0.63
N GLY A 231 1.79 -7.84 0.77
CA GLY A 231 2.72 -8.29 1.81
C GLY A 231 4.21 -8.12 1.44
N ALA A 232 4.46 -7.95 0.16
CA ALA A 232 5.81 -7.86 -0.41
C ALA A 232 5.68 -7.19 -1.75
N THR A 233 6.66 -6.36 -2.13
CA THR A 233 6.71 -5.74 -3.44
C THR A 233 8.16 -5.80 -3.96
N LEU A 234 8.27 -5.77 -5.27
CA LEU A 234 9.54 -5.84 -5.98
C LEU A 234 9.43 -5.07 -7.25
N GLU A 235 10.30 -4.03 -7.41
CA GLU A 235 10.22 -3.13 -8.50
C GLU A 235 11.21 -3.54 -9.59
N TRP A 236 10.99 -3.08 -10.78
CA TRP A 236 12.02 -3.08 -11.80
C TRP A 236 12.10 -1.69 -12.38
N PHE A 237 13.27 -1.37 -12.95
CA PHE A 237 13.55 0.01 -13.45
C PHE A 237 13.89 0.05 -14.93
N GLY A 238 13.42 1.08 -15.61
CA GLY A 238 13.80 1.36 -16.97
C GLY A 238 15.22 1.94 -17.05
N PRO A 239 15.67 2.20 -18.30
CA PRO A 239 17.06 2.55 -18.53
C PRO A 239 17.45 3.95 -18.06
N THR A 240 16.49 4.87 -17.96
CA THR A 240 16.80 6.31 -17.66
C THR A 240 16.12 6.84 -16.42
N GLU A 241 15.15 6.10 -15.90
CA GLU A 241 14.32 6.64 -14.84
C GLU A 241 15.10 6.82 -13.55
N ASP A 242 14.59 7.73 -12.71
CA ASP A 242 15.22 7.97 -11.42
C ASP A 242 14.88 6.74 -10.54
N ARG A 243 15.89 6.15 -9.94
CA ARG A 243 15.74 4.92 -9.15
C ARG A 243 15.73 5.20 -7.67
N ASN A 244 15.25 6.38 -7.29
CA ASN A 244 15.19 6.74 -5.86
C ASN A 244 14.21 5.92 -4.99
N ARG A 245 13.09 5.49 -5.55
CA ARG A 245 12.06 4.76 -4.80
C ARG A 245 12.57 3.39 -4.28
N PRO A 246 12.05 2.89 -3.14
CA PRO A 246 12.40 1.59 -2.59
C PRO A 246 12.18 0.46 -3.66
N ALA A 247 13.19 -0.37 -3.84
CA ALA A 247 13.18 -1.40 -4.86
C ALA A 247 12.36 -2.58 -4.43
N ALA A 248 12.25 -2.74 -3.11
CA ALA A 248 11.56 -3.89 -2.53
C ALA A 248 10.98 -3.46 -1.20
N THR A 249 9.82 -3.99 -0.87
CA THR A 249 9.21 -3.72 0.46
C THR A 249 8.70 -5.07 0.98
N GLU A 250 8.57 -5.16 2.28
CA GLU A 250 7.96 -6.31 2.90
C GLU A 250 7.16 -5.88 4.14
N ASP A 251 6.11 -6.62 4.48
CA ASP A 251 5.32 -6.43 5.73
C ASP A 251 5.48 -7.71 6.54
N TYR A 252 6.57 -7.79 7.28
CA TYR A 252 6.93 -9.05 7.94
C TYR A 252 5.87 -9.43 8.99
N LYS A 253 5.26 -8.47 9.66
CA LYS A 253 4.18 -8.70 10.57
C LYS A 253 2.93 -9.29 9.94
N ALA A 254 2.55 -8.77 8.78
CA ALA A 254 1.40 -9.30 8.06
C ALA A 254 1.70 -10.76 7.61
N ILE A 255 2.94 -11.00 7.20
CA ILE A 255 3.35 -12.34 6.73
C ILE A 255 3.23 -13.32 7.90
N GLU A 256 3.71 -12.95 9.06
CA GLU A 256 3.54 -13.73 10.28
C GLU A 256 2.09 -13.95 10.69
N ARG A 257 1.24 -12.96 10.51
CA ARG A 257 -0.19 -13.03 10.81
C ARG A 257 -0.98 -14.00 9.89
N HIS A 258 -0.66 -13.97 8.61
CA HIS A 258 -1.58 -14.59 7.62
C HIS A 258 -1.01 -15.85 7.02
N VAL A 259 0.30 -15.98 6.88
CA VAL A 259 0.82 -17.13 6.18
C VAL A 259 0.46 -18.47 6.90
N PRO A 260 0.72 -18.60 8.23
CA PRO A 260 0.31 -19.84 8.93
C PRO A 260 -1.18 -20.18 8.78
N ASP A 261 -2.06 -19.19 8.92
CA ASP A 261 -3.48 -19.45 8.75
C ASP A 261 -3.88 -19.79 7.33
N LEU A 262 -3.29 -19.11 6.35
CA LEU A 262 -3.64 -19.40 4.94
C LEU A 262 -3.14 -20.83 4.60
N ALA A 263 -1.98 -21.17 5.10
CA ALA A 263 -1.41 -22.51 4.87
C ALA A 263 -2.31 -23.59 5.46
N ALA A 264 -2.84 -23.34 6.64
CA ALA A 264 -3.76 -24.30 7.27
C ALA A 264 -5.05 -24.42 6.49
N GLU A 265 -5.55 -23.32 5.92
CA GLU A 265 -6.69 -23.35 5.10
C GLU A 265 -6.48 -24.19 3.84
N VAL A 266 -5.28 -24.09 3.24
CA VAL A 266 -4.96 -24.89 2.06
C VAL A 266 -4.94 -26.40 2.44
N VAL A 267 -4.29 -26.73 3.55
CA VAL A 267 -4.25 -28.17 3.99
C VAL A 267 -5.68 -28.73 4.16
N GLU A 268 -6.46 -27.99 4.95
CA GLU A 268 -7.93 -28.31 5.12
C GLU A 268 -8.70 -28.55 3.80
N GLU A 269 -8.51 -27.69 2.80
CA GLU A 269 -9.19 -27.83 1.56
C GLU A 269 -8.69 -29.05 0.76
N LEU A 270 -7.38 -29.25 0.73
CA LEU A 270 -6.81 -30.39 0.00
C LEU A 270 -7.31 -31.70 0.62
N LEU A 271 -7.25 -31.79 1.94
CA LEU A 271 -7.64 -33.04 2.65
C LEU A 271 -9.12 -33.32 2.43
N GLY A 272 -9.94 -32.29 2.51
CA GLY A 272 -11.38 -32.44 2.29
C GLY A 272 -11.71 -32.81 0.87
N GLU A 273 -11.09 -32.20 -0.11
CA GLU A 273 -11.46 -32.48 -1.48
C GLU A 273 -11.06 -33.89 -1.92
N LEU A 274 -10.04 -34.45 -1.26
CA LEU A 274 -9.56 -35.79 -1.62
C LEU A 274 -10.15 -36.89 -0.78
N GLY A 275 -10.69 -36.54 0.38
CA GLY A 275 -11.09 -37.51 1.38
C GLY A 275 -9.97 -38.16 2.13
N TRP A 276 -8.86 -37.43 2.33
CA TRP A 276 -7.74 -37.96 3.05
C TRP A 276 -7.81 -37.54 4.48
N ALA A 277 -7.49 -38.47 5.37
CA ALA A 277 -7.43 -38.19 6.79
C ALA A 277 -6.06 -37.62 7.14
N ARG A 278 -5.99 -36.73 8.12
CA ARG A 278 -4.70 -36.18 8.57
C ARG A 278 -3.77 -37.23 9.07
N ASP A 279 -4.32 -38.24 9.73
CA ASP A 279 -3.44 -39.27 10.33
C ASP A 279 -2.66 -40.13 9.30
N ASP A 280 -3.15 -40.19 8.07
CA ASP A 280 -2.65 -41.00 7.00
C ASP A 280 -1.82 -40.21 5.99
N LEU A 281 -1.44 -38.98 6.36
CA LEU A 281 -0.63 -38.14 5.50
C LEU A 281 0.80 -38.42 5.85
N ASP A 282 1.60 -38.84 4.86
CA ASP A 282 2.98 -39.16 5.07
C ASP A 282 3.95 -37.96 5.11
N TYR A 283 3.77 -37.02 4.17
CA TYR A 283 4.69 -35.89 4.00
C TYR A 283 3.92 -34.59 3.86
N VAL A 284 4.52 -33.52 4.38
CA VAL A 284 4.02 -32.18 4.14
C VAL A 284 5.22 -31.32 3.68
N LEU A 285 4.94 -30.53 2.62
CA LEU A 285 5.88 -29.63 1.98
C LEU A 285 5.34 -28.23 2.23
N PRO A 286 5.74 -27.60 3.35
CA PRO A 286 5.08 -26.36 3.78
C PRO A 286 5.78 -25.16 3.13
N PRO A 287 5.21 -23.96 3.28
CA PRO A 287 5.93 -22.78 2.82
C PRO A 287 7.33 -22.61 3.44
N GLN A 288 8.25 -22.12 2.66
CA GLN A 288 9.68 -22.09 3.06
C GLN A 288 10.19 -20.64 3.11
N LEU A 289 9.88 -19.93 4.19
CA LEU A 289 10.22 -18.50 4.27
C LEU A 289 11.46 -18.31 5.14
N SER A 290 11.55 -19.05 6.25
CA SER A 290 12.78 -19.10 7.05
C SER A 290 12.69 -20.30 7.96
N GLY A 291 13.84 -20.71 8.53
CA GLY A 291 13.88 -21.81 9.45
C GLY A 291 12.86 -21.64 10.59
N ARG A 292 12.82 -20.47 11.20
CA ARG A 292 11.86 -20.26 12.36
C ARG A 292 10.38 -20.11 11.94
N MET A 293 10.16 -19.52 10.76
CA MET A 293 8.79 -19.34 10.26
C MET A 293 8.19 -20.72 9.87
N THR A 294 8.99 -21.58 9.28
CA THR A 294 8.58 -22.95 8.97
C THR A 294 8.06 -23.70 10.17
N ALA A 295 8.80 -23.67 11.28
CA ALA A 295 8.29 -24.21 12.55
C ALA A 295 6.95 -23.68 13.00
N LEU A 296 6.74 -22.38 12.95
CA LEU A 296 5.46 -21.74 13.29
C LEU A 296 4.33 -22.21 12.42
N ILE A 297 4.61 -22.31 11.11
CA ILE A 297 3.62 -22.77 10.18
C ILE A 297 3.29 -24.24 10.41
N VAL A 298 4.30 -25.09 10.52
CA VAL A 298 4.06 -26.52 10.73
C VAL A 298 3.21 -26.69 11.99
N GLU A 299 3.51 -25.90 13.03
CA GLU A 299 2.65 -25.93 14.26
C GLU A 299 1.18 -25.67 13.93
N ARG A 300 0.85 -24.67 13.09
CA ARG A 300 -0.49 -24.32 12.75
C ARG A 300 -1.22 -25.35 11.89
N LEU A 301 -0.45 -26.12 11.11
CA LEU A 301 -1.05 -27.10 10.20
C LEU A 301 -1.69 -28.29 10.88
N LYS A 302 -1.19 -28.64 12.07
CA LYS A 302 -1.79 -29.71 12.87
C LYS A 302 -1.80 -31.06 12.08
N LEU A 303 -0.59 -31.47 11.67
CA LEU A 303 -0.35 -32.71 10.90
C LEU A 303 0.76 -33.45 11.64
N PRO A 304 0.49 -33.84 12.92
CA PRO A 304 1.58 -34.42 13.73
C PRO A 304 2.11 -35.75 13.22
N GLN A 305 1.35 -36.43 12.35
CA GLN A 305 1.81 -37.68 11.76
C GLN A 305 2.66 -37.50 10.47
N ALA A 306 2.76 -36.27 9.93
CA ALA A 306 3.43 -36.05 8.66
C ALA A 306 4.85 -35.61 8.88
N THR A 307 5.72 -36.12 8.03
CA THR A 307 7.07 -35.73 8.00
C THR A 307 7.25 -34.50 7.10
N GLU A 308 7.95 -33.54 7.63
CA GLU A 308 8.15 -32.27 6.96
C GLU A 308 9.25 -32.42 5.93
N VAL A 309 9.07 -31.83 4.76
CA VAL A 309 10.08 -31.79 3.70
C VAL A 309 10.35 -30.29 3.48
N SER A 310 11.49 -29.86 3.99
CA SER A 310 11.89 -28.46 3.99
C SER A 310 13.32 -28.38 3.45
N CYS A 311 13.65 -27.24 2.92
CA CYS A 311 14.99 -26.96 2.47
C CYS A 311 15.50 -25.55 2.82
N VAL A 312 14.64 -24.69 3.36
CA VAL A 312 14.94 -23.24 3.41
C VAL A 312 16.15 -22.97 4.34
N ALA A 313 16.30 -23.78 5.37
CA ALA A 313 17.43 -23.58 6.28
C ALA A 313 18.78 -23.83 5.63
N GLU A 314 18.80 -24.54 4.48
CA GLU A 314 19.99 -24.85 3.72
C GLU A 314 20.15 -24.04 2.43
N THR A 315 19.05 -23.59 1.84
CA THR A 315 19.10 -23.00 0.53
C THR A 315 18.73 -21.49 0.50
N GLY A 316 18.11 -21.00 1.56
CA GLY A 316 17.56 -19.68 1.62
C GLY A 316 16.23 -19.75 0.86
N ASN A 317 15.45 -18.70 0.95
CA ASN A 317 14.15 -18.69 0.24
C ASN A 317 14.42 -18.26 -1.17
N ASN A 318 14.43 -19.24 -2.11
CA ASN A 318 14.59 -18.93 -3.51
C ASN A 318 13.27 -18.88 -4.31
N GLY A 319 12.19 -18.53 -3.63
CA GLY A 319 11.01 -18.04 -4.32
C GLY A 319 10.33 -19.16 -5.09
N ASN A 320 10.16 -18.97 -6.41
CA ASN A 320 9.59 -19.99 -7.31
C ASN A 320 10.39 -21.29 -7.34
N GLY A 321 11.61 -21.29 -6.84
CA GLY A 321 12.45 -22.49 -6.87
C GLY A 321 12.01 -23.45 -5.79
N ILE A 322 11.46 -22.93 -4.67
CA ILE A 322 11.20 -23.71 -3.49
C ILE A 322 10.38 -24.98 -3.74
N VAL A 323 9.24 -24.84 -4.37
CA VAL A 323 8.36 -26.03 -4.64
C VAL A 323 9.13 -27.14 -5.34
N PHE A 324 9.96 -26.81 -6.30
CA PHE A 324 10.70 -27.84 -7.05
C PHE A 324 11.79 -28.47 -6.21
N LEU A 325 12.42 -27.69 -5.36
CA LEU A 325 13.40 -28.31 -4.42
C LEU A 325 12.73 -29.26 -3.44
N GLN A 326 11.57 -28.85 -2.94
CA GLN A 326 10.75 -29.76 -2.14
C GLN A 326 10.29 -31.00 -2.92
N LEU A 327 9.87 -30.84 -4.18
CA LEU A 327 9.48 -32.01 -4.98
C LEU A 327 10.64 -32.97 -5.16
N GLU A 328 11.81 -32.41 -5.41
CA GLU A 328 12.99 -33.27 -5.56
C GLU A 328 13.17 -34.09 -4.30
N ARG A 329 13.15 -33.46 -3.13
CA ARG A 329 13.35 -34.18 -1.88
C ARG A 329 12.25 -35.17 -1.55
N ALA A 330 10.99 -34.78 -1.75
CA ALA A 330 9.83 -35.65 -1.46
C ALA A 330 9.79 -36.83 -2.40
N LEU A 331 10.09 -36.61 -3.69
CA LEU A 331 10.08 -37.73 -4.64
C LEU A 331 11.13 -38.80 -4.31
N ALA A 332 12.22 -38.44 -3.67
CA ALA A 332 13.27 -39.41 -3.28
C ALA A 332 12.80 -40.28 -2.11
N ARG A 333 11.75 -39.83 -1.41
CA ARG A 333 11.16 -40.49 -0.22
C ARG A 333 9.79 -41.11 -0.43
N LEU A 334 9.02 -40.70 -1.44
CA LEU A 334 7.59 -41.05 -1.54
C LEU A 334 7.39 -42.43 -2.17
N ALA A 335 7.02 -43.40 -1.37
CA ALA A 335 6.88 -44.78 -1.88
C ALA A 335 5.45 -45.00 -2.38
N GLY A 336 5.20 -46.12 -3.08
CA GLY A 336 3.87 -46.35 -3.60
C GLY A 336 2.82 -46.34 -2.50
N GLY A 337 1.65 -45.73 -2.80
CA GLY A 337 0.58 -45.48 -1.83
C GLY A 337 0.78 -44.36 -0.81
N GLN A 338 1.96 -43.76 -0.72
CA GLN A 338 2.23 -42.73 0.31
C GLN A 338 1.75 -41.42 -0.26
N ARG A 339 1.39 -40.51 0.66
CA ARG A 339 0.64 -39.31 0.32
C ARG A 339 1.37 -38.08 0.82
N ALA A 340 1.31 -36.99 0.05
CA ALA A 340 1.99 -35.77 0.41
C ALA A 340 1.13 -34.60 0.01
N LEU A 341 1.24 -33.50 0.76
CA LEU A 341 0.62 -32.26 0.39
C LEU A 341 1.69 -31.19 0.32
N GLY A 342 1.57 -30.30 -0.67
CA GLY A 342 2.45 -29.12 -0.75
C GLY A 342 1.60 -27.88 -0.61
N VAL A 343 2.18 -26.86 -0.01
CA VAL A 343 1.44 -25.63 0.18
C VAL A 343 2.42 -24.49 -0.10
N SER A 344 1.95 -23.53 -0.87
CA SER A 344 2.74 -22.31 -1.19
C SER A 344 1.84 -21.12 -0.99
N ILE A 345 2.24 -20.23 -0.07
CA ILE A 345 1.45 -19.00 0.10
C ILE A 345 2.28 -17.78 -0.34
N GLU A 346 1.75 -17.02 -1.28
CA GLU A 346 2.46 -15.85 -1.82
C GLU A 346 1.93 -14.58 -1.16
N SER A 347 2.80 -13.89 -0.42
CA SER A 347 2.40 -12.72 0.30
C SER A 347 2.30 -11.46 -0.57
N SER A 348 2.80 -11.47 -1.79
CA SER A 348 2.74 -10.32 -2.66
C SER A 348 1.37 -9.72 -2.73
N LYS A 349 0.36 -10.56 -3.02
CA LYS A 349 -1.02 -10.13 -2.97
C LYS A 349 -1.93 -11.18 -2.33
N TRP A 350 -1.38 -12.09 -1.58
CA TRP A 350 -2.15 -13.09 -0.80
C TRP A 350 -2.79 -14.08 -1.73
N ILE A 351 -1.94 -14.88 -2.28
CA ILE A 351 -2.37 -16.02 -3.14
C ILE A 351 -2.12 -17.30 -2.39
N LYS A 352 -3.14 -18.16 -2.24
CA LYS A 352 -2.93 -19.45 -1.64
C LYS A 352 -2.91 -20.51 -2.70
N SER A 353 -2.11 -21.55 -2.49
CA SER A 353 -1.97 -22.55 -3.52
C SER A 353 -1.50 -23.82 -2.86
N GLY A 354 -1.83 -24.93 -3.49
CA GLY A 354 -1.28 -26.15 -2.98
C GLY A 354 -1.57 -27.27 -3.94
N PHE A 355 -1.02 -28.41 -3.59
CA PHE A 355 -1.18 -29.61 -4.41
C PHE A 355 -1.04 -30.87 -3.57
N ALA A 356 -1.52 -31.98 -4.15
CA ALA A 356 -1.46 -33.31 -3.47
C ALA A 356 -0.78 -34.30 -4.40
N LEU A 357 0.07 -35.12 -3.82
CA LEU A 357 0.84 -36.18 -4.50
C LEU A 357 0.50 -37.53 -3.87
N GLU A 358 0.40 -38.55 -4.71
CA GLU A 358 0.26 -39.90 -4.18
C GLU A 358 1.19 -40.79 -4.97
N GLY A 359 1.96 -41.61 -4.26
CA GLY A 359 2.98 -42.43 -4.89
C GLY A 359 2.39 -43.55 -5.75
N THR B 23 -20.92 13.36 33.82
CA THR B 23 -21.66 13.76 32.55
C THR B 23 -20.99 14.92 31.87
N VAL B 24 -21.06 15.04 30.55
CA VAL B 24 -20.64 16.27 29.85
C VAL B 24 -21.82 16.62 28.94
N SER B 25 -22.16 17.90 28.82
CA SER B 25 -23.28 18.42 28.05
C SER B 25 -22.74 19.16 26.83
N VAL B 26 -23.45 19.06 25.72
CA VAL B 26 -23.22 19.83 24.53
C VAL B 26 -24.15 21.02 24.58
N LEU B 27 -23.60 22.22 24.78
CA LEU B 27 -24.41 23.45 24.94
C LEU B 27 -24.91 24.13 23.69
N SER B 28 -24.11 23.99 22.62
CA SER B 28 -24.32 24.64 21.38
C SER B 28 -23.46 24.04 20.33
N ALA B 29 -23.91 24.21 19.09
CA ALA B 29 -23.04 23.95 17.96
C ALA B 29 -23.38 24.94 16.87
N ALA B 30 -22.44 25.27 16.04
CA ALA B 30 -22.60 26.28 14.99
C ALA B 30 -21.66 25.98 13.89
N SER B 31 -21.94 26.55 12.74
CA SER B 31 -21.15 26.31 11.53
C SER B 31 -20.81 27.61 10.86
N ALA B 32 -19.76 27.56 10.06
CA ALA B 32 -19.30 28.67 9.21
C ALA B 32 -19.01 28.04 7.86
N LEU B 33 -19.89 28.33 6.92
CA LEU B 33 -19.81 27.85 5.56
C LEU B 33 -19.48 29.06 4.61
N PRO B 34 -18.47 28.94 3.78
CA PRO B 34 -17.92 30.09 3.05
C PRO B 34 -18.81 30.38 1.82
N GLY B 35 -19.22 31.63 1.70
CA GLY B 35 -19.83 32.06 0.46
C GLY B 35 -21.24 31.55 0.27
N PRO B 36 -21.82 31.82 -0.90
CA PRO B 36 -23.14 31.32 -1.17
C PRO B 36 -23.20 29.85 -1.45
N THR B 37 -24.38 29.26 -1.32
CA THR B 37 -24.48 27.86 -1.84
C THR B 37 -24.19 27.90 -3.36
N VAL B 38 -23.48 26.90 -3.86
CA VAL B 38 -23.09 26.76 -5.28
C VAL B 38 -23.87 25.53 -5.79
N ASP B 39 -24.79 25.74 -6.73
CA ASP B 39 -25.53 24.61 -7.25
C ASP B 39 -24.87 23.96 -8.45
N ASN B 40 -25.50 22.86 -8.89
CA ASN B 40 -24.90 22.07 -9.96
C ASN B 40 -24.95 22.81 -11.31
N ALA B 41 -26.01 23.57 -11.53
CA ALA B 41 -26.04 24.50 -12.72
C ALA B 41 -24.82 25.42 -12.76
N THR B 42 -24.59 26.12 -11.66
CA THR B 42 -23.46 27.04 -11.53
C THR B 42 -22.13 26.37 -11.65
N LEU B 43 -21.95 25.26 -10.93
CA LEU B 43 -20.78 24.44 -11.03
C LEU B 43 -20.53 23.87 -12.44
N GLY B 44 -21.58 23.32 -13.05
CA GLY B 44 -21.48 22.79 -14.42
C GLY B 44 -20.96 23.85 -15.41
N ARG B 45 -21.54 25.04 -15.34
CA ARG B 45 -21.18 26.17 -16.19
C ARG B 45 -19.68 26.41 -16.07
N ARG B 46 -19.20 26.59 -14.82
CA ARG B 46 -17.78 26.89 -14.61
C ARG B 46 -16.86 25.82 -15.14
N LEU B 47 -17.24 24.56 -15.03
CA LEU B 47 -16.44 23.46 -15.56
C LEU B 47 -16.65 23.13 -17.06
N GLY B 48 -17.69 23.68 -17.69
CA GLY B 48 -18.01 23.37 -19.11
C GLY B 48 -18.78 22.08 -19.38
N MET B 49 -19.73 21.74 -18.49
CA MET B 49 -20.63 20.58 -18.65
C MET B 49 -22.02 21.06 -19.13
N ASP B 50 -22.87 20.13 -19.59
CA ASP B 50 -24.24 20.45 -20.10
C ASP B 50 -25.37 20.48 -19.05
N ARG B 51 -26.59 20.80 -19.50
CA ARG B 51 -27.81 20.69 -18.66
C ARG B 51 -28.07 19.24 -18.25
N LEU B 52 -27.69 18.30 -19.11
CA LEU B 52 -27.85 16.89 -18.76
C LEU B 52 -27.12 16.64 -17.45
N TRP B 53 -25.84 17.05 -17.40
CA TRP B 53 -24.95 16.82 -16.27
C TRP B 53 -25.56 17.31 -14.92
N GLU B 54 -26.21 18.48 -14.89
CA GLU B 54 -26.89 18.96 -13.68
C GLU B 54 -27.84 17.93 -13.11
N GLN B 55 -28.69 17.42 -14.00
CA GLN B 55 -29.79 16.56 -13.60
C GLN B 55 -29.25 15.20 -13.20
N TRP B 56 -28.24 14.69 -13.90
CA TRP B 56 -27.51 13.46 -13.51
C TRP B 56 -26.85 13.54 -12.10
N VAL B 57 -26.12 14.61 -11.81
CA VAL B 57 -25.54 14.76 -10.48
C VAL B 57 -26.70 14.62 -9.45
N ASP B 58 -27.95 14.69 -9.90
CA ASP B 58 -29.09 14.14 -9.10
C ASP B 58 -29.57 12.75 -9.52
N ILE B 61 -25.72 11.17 -7.81
CA ILE B 61 -24.82 11.58 -6.72
C ILE B 61 -25.67 12.12 -5.57
N GLY B 62 -26.73 12.87 -5.87
CA GLY B 62 -27.70 13.33 -4.90
C GLY B 62 -27.14 14.51 -4.11
N THR B 63 -26.06 15.14 -4.56
CA THR B 63 -25.52 16.35 -3.88
C THR B 63 -25.92 17.54 -4.76
N ARG B 64 -26.77 18.42 -4.22
CA ARG B 64 -27.41 19.47 -5.00
C ARG B 64 -26.63 20.79 -4.90
N THR B 65 -26.08 21.04 -3.73
CA THR B 65 -25.33 22.28 -3.52
C THR B 65 -24.14 22.01 -2.60
N ARG B 66 -23.17 22.95 -2.62
CA ARG B 66 -22.07 22.86 -1.66
C ARG B 66 -21.57 24.29 -1.47
N HIS B 67 -20.75 24.51 -0.44
CA HIS B 67 -20.03 25.76 -0.24
C HIS B 67 -18.58 25.57 -0.57
N LEU B 68 -17.96 26.57 -1.22
CA LEU B 68 -16.57 26.57 -1.60
C LEU B 68 -15.87 27.79 -1.04
N ALA B 69 -14.64 27.59 -0.63
CA ALA B 69 -13.85 28.65 -0.07
C ALA B 69 -13.26 29.52 -1.16
N VAL B 70 -13.38 29.08 -2.42
CA VAL B 70 -12.91 29.94 -3.54
C VAL B 70 -14.12 30.65 -4.14
N ASP B 71 -13.89 31.86 -4.65
CA ASP B 71 -14.78 32.53 -5.60
C ASP B 71 -14.86 31.70 -6.89
N LEU B 72 -16.06 31.41 -7.36
CA LEU B 72 -16.18 30.46 -8.45
C LEU B 72 -15.65 31.05 -9.79
N ASP B 73 -16.07 32.28 -10.08
CA ASP B 73 -15.69 32.97 -11.32
C ASP B 73 -14.16 33.09 -11.49
N SER B 74 -13.50 33.58 -10.44
CA SER B 74 -12.04 33.87 -10.44
C SER B 74 -11.16 32.72 -9.90
N GLY B 75 -11.74 31.83 -9.09
CA GLY B 75 -10.95 30.79 -8.45
C GLY B 75 -10.08 31.29 -7.29
N GLU B 76 -10.14 32.58 -6.98
CA GLU B 76 -9.41 33.15 -5.86
C GLU B 76 -9.95 32.65 -4.48
N ILE B 77 -9.03 32.35 -3.57
CA ILE B 77 -9.39 31.89 -2.23
C ILE B 77 -9.91 33.05 -1.38
N ARG B 78 -11.12 32.93 -0.89
CA ARG B 78 -11.75 34.03 -0.13
C ARG B 78 -11.80 33.75 1.38
N HIS B 79 -11.58 32.49 1.77
CA HIS B 79 -11.74 32.09 3.16
C HIS B 79 -10.70 31.06 3.47
N THR B 80 -10.04 31.22 4.59
CA THR B 80 -9.10 30.20 5.07
C THR B 80 -9.82 29.31 6.11
N LEU B 81 -9.21 28.19 6.48
CA LEU B 81 -9.69 27.40 7.62
C LEU B 81 -9.71 28.19 8.92
N ALA B 82 -8.70 29.00 9.18
CA ALA B 82 -8.65 29.75 10.42
C ALA B 82 -9.79 30.81 10.44
N ASP B 83 -10.02 31.42 9.29
CA ASP B 83 -11.13 32.43 9.15
C ASP B 83 -12.45 31.79 9.52
N LEU B 84 -12.70 30.64 8.93
CA LEU B 84 -14.00 29.92 9.14
C LEU B 84 -14.07 29.34 10.56
N ALA B 85 -12.91 28.85 11.08
CA ALA B 85 -12.94 28.38 12.44
C ALA B 85 -13.21 29.49 13.47
N HIS B 86 -12.64 30.65 13.21
CA HIS B 86 -12.92 31.84 14.05
C HIS B 86 -14.41 32.19 14.06
N GLN B 87 -14.99 32.22 12.88
CA GLN B 87 -16.46 32.44 12.73
C GLN B 87 -17.29 31.38 13.45
N ALA B 88 -17.02 30.12 13.18
CA ALA B 88 -17.78 29.06 13.77
C ALA B 88 -17.62 29.07 15.30
N GLY B 89 -16.40 29.20 15.80
CA GLY B 89 -16.15 29.31 17.25
C GLY B 89 -16.90 30.45 17.90
N SER B 90 -16.81 31.63 17.30
CA SER B 90 -17.51 32.80 17.80
C SER B 90 -19.05 32.56 17.90
N ARG B 91 -19.61 31.97 16.82
CA ARG B 91 -21.06 31.67 16.78
C ARG B 91 -21.43 30.67 17.84
N ALA B 92 -20.58 29.61 18.05
CA ALA B 92 -20.90 28.62 19.07
C ALA B 92 -20.84 29.18 20.47
N LEU B 93 -19.82 30.01 20.74
CA LEU B 93 -19.66 30.62 22.03
C LEU B 93 -20.88 31.53 22.33
N ASP B 94 -21.23 32.34 21.36
CA ASP B 94 -22.41 33.27 21.56
C ASP B 94 -23.67 32.49 21.78
N ALA B 95 -23.92 31.44 20.98
CA ALA B 95 -25.07 30.53 21.20
C ALA B 95 -25.11 29.92 22.58
N ALA B 96 -23.97 29.55 23.17
CA ALA B 96 -23.93 28.92 24.49
C ALA B 96 -23.94 29.96 25.62
N GLY B 97 -23.79 31.24 25.28
CA GLY B 97 -23.61 32.27 26.30
C GLY B 97 -22.32 32.19 27.08
N VAL B 98 -21.21 31.87 26.39
CA VAL B 98 -19.90 31.67 27.01
C VAL B 98 -18.96 32.73 26.43
N THR B 99 -18.21 33.41 27.32
CA THR B 99 -17.24 34.36 26.84
C THR B 99 -15.90 33.61 26.59
N PRO B 100 -15.00 34.18 25.77
CA PRO B 100 -13.64 33.52 25.65
C PRO B 100 -12.89 33.29 26.95
N GLU B 101 -13.08 34.17 27.95
CA GLU B 101 -12.41 34.02 29.26
C GLU B 101 -12.83 32.79 30.05
N GLU B 102 -14.04 32.31 29.75
CA GLU B 102 -14.58 31.13 30.37
C GLU B 102 -14.16 29.83 29.71
N VAL B 103 -13.57 29.87 28.56
CA VAL B 103 -13.14 28.63 27.86
C VAL B 103 -11.91 28.08 28.54
N ASP B 104 -11.95 26.83 28.94
CA ASP B 104 -10.84 26.19 29.61
C ASP B 104 -9.99 25.24 28.76
N LEU B 105 -10.45 24.96 27.54
CA LEU B 105 -9.81 23.97 26.68
C LEU B 105 -10.26 24.19 25.24
N VAL B 106 -9.36 24.00 24.28
CA VAL B 106 -9.71 24.10 22.88
C VAL B 106 -9.20 22.82 22.19
N VAL B 107 -10.03 22.13 21.41
CA VAL B 107 -9.58 20.98 20.64
C VAL B 107 -10.14 21.14 19.25
N LEU B 108 -9.28 21.03 18.24
CA LEU B 108 -9.63 21.17 16.85
C LEU B 108 -9.24 19.99 16.05
N GLY B 109 -10.13 19.51 15.19
CA GLY B 109 -9.85 18.37 14.25
C GLY B 109 -9.90 18.81 12.80
N THR B 110 -8.87 18.50 12.02
CA THR B 110 -8.88 18.82 10.65
C THR B 110 -7.90 17.89 9.88
N ALA B 111 -8.11 17.77 8.58
CA ALA B 111 -7.14 17.13 7.69
C ALA B 111 -6.29 18.19 6.96
N THR B 112 -6.73 19.43 7.00
CA THR B 112 -6.18 20.51 6.10
C THR B 112 -5.86 21.79 6.88
N PRO B 113 -4.97 21.71 7.86
CA PRO B 113 -4.65 22.93 8.58
C PRO B 113 -4.04 24.00 7.67
N ASP B 114 -4.13 25.27 8.07
CA ASP B 114 -3.63 26.34 7.25
C ASP B 114 -2.11 26.15 6.96
N ARG B 115 -1.37 25.83 8.02
CA ARG B 115 0.10 25.60 8.01
C ARG B 115 0.39 24.32 8.80
N LEU B 116 1.61 23.78 8.75
CA LEU B 116 2.01 22.74 9.71
C LEU B 116 2.23 23.30 11.12
N MET B 117 2.84 24.49 11.19
CA MET B 117 2.93 25.21 12.45
C MET B 117 2.98 26.70 12.20
N PRO B 118 2.41 27.51 13.10
CA PRO B 118 1.62 27.13 14.25
C PRO B 118 0.33 26.40 13.81
N THR B 119 -0.28 25.72 14.76
CA THR B 119 -1.51 25.01 14.52
C THR B 119 -2.65 26.01 14.33
N THR B 120 -3.66 25.56 13.60
CA THR B 120 -4.90 26.31 13.48
C THR B 120 -5.61 26.39 14.85
N ALA B 121 -5.44 25.39 15.75
CA ALA B 121 -5.98 25.51 17.09
C ALA B 121 -5.44 26.70 17.84
N THR B 122 -4.15 26.86 17.84
CA THR B 122 -3.58 28.01 18.59
C THR B 122 -3.84 29.38 17.93
N VAL B 123 -3.90 29.38 16.61
CA VAL B 123 -4.23 30.57 15.88
C VAL B 123 -5.66 31.03 16.11
N VAL B 124 -6.61 30.08 16.04
CA VAL B 124 -8.00 30.38 16.32
C VAL B 124 -8.27 30.79 17.75
N ALA B 125 -7.59 30.15 18.70
CA ALA B 125 -7.65 30.57 20.08
C ALA B 125 -7.25 32.05 20.21
N ASP B 126 -6.18 32.44 19.54
CA ASP B 126 -5.72 33.85 19.58
C ASP B 126 -6.79 34.78 19.03
N ARG B 127 -7.32 34.42 17.87
CA ARG B 127 -8.36 35.23 17.25
C ARG B 127 -9.58 35.40 18.10
N LEU B 128 -9.96 34.37 18.83
CA LEU B 128 -11.07 34.38 19.72
C LEU B 128 -10.82 35.04 21.06
N GLY B 129 -9.56 35.33 21.38
CA GLY B 129 -9.24 35.84 22.71
C GLY B 129 -9.11 34.83 23.83
N ILE B 130 -8.94 33.55 23.47
CA ILE B 130 -8.85 32.45 24.40
C ILE B 130 -7.36 32.26 24.66
N ASP B 131 -7.00 32.17 25.91
CA ASP B 131 -5.59 32.03 26.29
C ASP B 131 -5.44 31.38 27.63
N GLY B 132 -4.27 30.81 27.93
CA GLY B 132 -3.97 30.22 29.19
C GLY B 132 -4.66 28.92 29.41
N VAL B 133 -4.83 28.20 28.31
CA VAL B 133 -5.54 26.92 28.31
C VAL B 133 -4.80 25.96 27.38
N PRO B 134 -5.00 24.68 27.60
CA PRO B 134 -4.48 23.75 26.56
C PRO B 134 -5.24 23.88 25.25
N ALA B 135 -4.50 23.78 24.15
CA ALA B 135 -5.08 23.88 22.83
C ALA B 135 -4.52 22.80 21.94
N TYR B 136 -5.34 21.78 21.63
CA TYR B 136 -4.91 20.53 20.88
C TYR B 136 -5.42 20.54 19.52
N GLN B 137 -4.63 20.02 18.58
CA GLN B 137 -5.09 19.85 17.19
C GLN B 137 -4.86 18.43 16.74
N LEU B 138 -5.95 17.74 16.33
CA LEU B 138 -5.88 16.40 15.85
C LEU B 138 -5.85 16.47 14.32
N GLN B 139 -5.04 15.62 13.72
CA GLN B 139 -4.94 15.52 12.30
C GLN B 139 -5.69 14.25 11.92
N SER B 140 -6.68 14.34 11.04
CA SER B 140 -7.43 13.13 10.62
C SER B 140 -8.39 13.51 9.49
N GLY B 141 -8.96 12.51 8.83
CA GLY B 141 -10.09 12.67 7.96
C GLY B 141 -11.34 12.80 8.79
N CYS B 142 -12.49 12.39 8.26
CA CYS B 142 -13.73 12.85 8.85
C CYS B 142 -14.03 12.45 10.29
N SER B 143 -13.38 11.36 10.77
CA SER B 143 -13.57 10.97 12.17
C SER B 143 -12.86 11.85 13.18
N GLY B 144 -12.03 12.77 12.74
CA GLY B 144 -11.34 13.68 13.60
C GLY B 144 -12.28 14.46 14.49
N ALA B 145 -13.49 14.79 13.97
CA ALA B 145 -14.47 15.52 14.80
C ALA B 145 -14.91 14.70 16.01
N VAL B 146 -15.09 13.40 15.83
CA VAL B 146 -15.46 12.53 16.92
C VAL B 146 -14.30 12.23 17.83
N GLN B 147 -13.09 12.13 17.27
CA GLN B 147 -11.89 12.03 18.07
C GLN B 147 -11.79 13.30 18.98
N ALA B 148 -12.07 14.48 18.41
CA ALA B 148 -12.02 15.68 19.20
C ALA B 148 -13.05 15.67 20.32
N LEU B 149 -14.26 15.18 20.03
CA LEU B 149 -15.22 14.99 21.12
C LEU B 149 -14.75 14.04 22.18
N ALA B 150 -14.17 12.90 21.79
CA ALA B 150 -13.68 11.91 22.74
C ALA B 150 -12.61 12.47 23.66
N VAL B 151 -11.59 13.10 23.05
CA VAL B 151 -10.48 13.71 23.80
C VAL B 151 -10.97 14.80 24.77
N THR B 152 -11.87 15.62 24.30
CA THR B 152 -12.49 16.73 25.10
C THR B 152 -13.28 16.15 26.24
N ARG B 153 -14.09 15.15 25.97
CA ARG B 153 -14.83 14.54 27.08
C ARG B 153 -13.91 14.00 28.17
N SER B 154 -12.87 13.32 27.76
CA SER B 154 -11.96 12.73 28.72
C SER B 154 -11.25 13.81 29.58
N LEU B 155 -10.82 14.89 28.92
CA LEU B 155 -10.13 16.01 29.61
C LEU B 155 -11.03 16.82 30.48
N LEU B 156 -12.26 16.99 30.06
CA LEU B 156 -13.21 17.71 30.94
C LEU B 156 -13.59 16.86 32.18
N LEU B 157 -13.77 15.58 32.07
CA LEU B 157 -14.10 14.78 33.26
C LEU B 157 -12.91 14.55 34.21
N GLY B 158 -11.71 14.54 33.67
CA GLY B 158 -10.48 14.21 34.37
C GLY B 158 -9.73 15.32 35.10
N GLY B 159 -10.01 16.59 34.85
CA GLY B 159 -9.26 17.71 35.46
C GLY B 159 -10.16 18.89 35.78
N THR B 160 -9.56 20.06 36.04
CA THR B 160 -10.27 21.18 36.52
C THR B 160 -11.05 21.88 35.41
N ALA B 161 -10.71 21.61 34.17
CA ALA B 161 -11.42 22.30 33.05
C ALA B 161 -12.91 21.99 33.12
N ARG B 162 -13.75 23.01 32.95
CA ARG B 162 -15.19 22.89 33.03
C ARG B 162 -15.91 23.09 31.69
N THR B 163 -15.36 23.94 30.84
CA THR B 163 -15.99 24.37 29.54
C THR B 163 -14.97 24.27 28.43
N ALA B 164 -15.34 23.64 27.31
CA ALA B 164 -14.40 23.51 26.21
C ALA B 164 -15.02 23.95 24.92
N LEU B 165 -14.20 24.36 23.98
CA LEU B 165 -14.61 24.68 22.64
C LEU B 165 -13.97 23.64 21.75
N VAL B 166 -14.82 22.96 20.99
CA VAL B 166 -14.37 21.89 20.10
C VAL B 166 -14.69 22.30 18.68
N LEU B 167 -13.73 22.20 17.77
CA LEU B 167 -13.95 22.61 16.38
C LEU B 167 -13.53 21.54 15.39
N GLY B 168 -14.16 21.55 14.24
CA GLY B 168 -13.72 20.64 13.16
C GLY B 168 -14.05 21.22 11.81
N GLY B 169 -13.17 21.01 10.87
CA GLY B 169 -13.47 21.42 9.51
C GLY B 169 -12.43 21.14 8.55
N ASP B 170 -12.70 21.56 7.34
CA ASP B 170 -11.73 21.38 6.22
C ASP B 170 -11.96 22.38 5.15
N VAL B 171 -10.87 22.73 4.48
CA VAL B 171 -10.92 23.61 3.34
C VAL B 171 -9.98 22.91 2.40
N VAL B 172 -10.53 22.49 1.27
CA VAL B 172 -9.76 21.73 0.29
C VAL B 172 -9.42 22.48 -1.02
N ALA B 173 -9.46 23.80 -0.95
CA ALA B 173 -9.18 24.69 -2.09
C ALA B 173 -7.80 24.51 -2.65
N ARG B 174 -6.82 24.09 -1.82
CA ARG B 174 -5.53 23.81 -2.36
C ARG B 174 -5.52 22.60 -3.29
N PHE B 175 -6.60 21.79 -3.32
CA PHE B 175 -6.57 20.56 -4.08
C PHE B 175 -7.48 20.64 -5.31
N TYR B 176 -8.18 21.74 -5.50
CA TYR B 176 -9.06 21.78 -6.68
C TYR B 176 -8.79 23.03 -7.53
N VAL B 191 -15.57 13.17 -10.39
CA VAL B 191 -16.63 12.90 -9.41
C VAL B 191 -16.28 13.56 -8.07
N ASN B 192 -15.01 13.54 -7.65
CA ASN B 192 -14.55 14.30 -6.45
C ASN B 192 -14.95 15.81 -6.48
N TYR B 193 -14.92 16.42 -7.66
CA TYR B 193 -15.34 17.82 -7.82
C TYR B 193 -16.78 18.15 -7.42
N VAL B 194 -17.68 17.18 -7.52
CA VAL B 194 -19.07 17.45 -7.10
C VAL B 194 -19.43 17.03 -5.65
N LEU B 195 -18.51 16.36 -5.00
CA LEU B 195 -18.79 15.67 -3.74
C LEU B 195 -18.36 16.53 -2.59
N PHE B 196 -17.28 17.26 -2.74
CA PHE B 196 -16.71 17.95 -1.58
C PHE B 196 -17.30 19.31 -1.29
N GLY B 197 -17.19 19.76 -0.04
CA GLY B 197 -17.47 21.16 0.24
C GLY B 197 -16.47 21.62 1.28
N ASP B 198 -16.46 22.91 1.55
CA ASP B 198 -15.49 23.53 2.52
C ASP B 198 -16.33 24.06 3.64
N GLY B 199 -15.83 23.98 4.86
CA GLY B 199 -16.59 24.52 5.96
C GLY B 199 -16.05 24.05 7.30
N VAL B 200 -16.41 24.75 8.36
CA VAL B 200 -15.95 24.47 9.71
C VAL B 200 -17.15 24.55 10.62
N GLY B 201 -17.16 23.72 11.65
CA GLY B 201 -18.16 23.83 12.69
C GLY B 201 -17.50 23.80 14.06
N ALA B 202 -18.31 24.08 15.08
CA ALA B 202 -17.82 24.15 16.44
C ALA B 202 -18.93 23.81 17.39
N ALA B 203 -18.54 23.35 18.57
CA ALA B 203 -19.45 23.04 19.67
C ALA B 203 -18.86 23.37 21.00
N VAL B 204 -19.73 23.73 21.92
CA VAL B 204 -19.29 24.12 23.24
C VAL B 204 -19.74 22.96 24.13
N LEU B 205 -18.81 22.41 24.91
CA LEU B 205 -19.07 21.32 25.86
C LEU B 205 -18.82 21.80 27.29
N ARG B 206 -19.61 21.30 28.22
CA ARG B 206 -19.46 21.69 29.63
C ARG B 206 -19.75 20.54 30.52
N VAL B 207 -18.97 20.41 31.60
CA VAL B 207 -19.19 19.34 32.54
C VAL B 207 -20.55 19.52 33.25
N GLY B 208 -21.16 18.42 33.60
CA GLY B 208 -22.43 18.36 34.41
C GLY B 208 -23.59 18.12 33.50
N GLU B 209 -24.77 18.02 34.12
CA GLU B 209 -26.00 17.86 33.33
C GLU B 209 -26.72 19.20 33.27
N VAL B 210 -26.49 19.90 32.17
CA VAL B 210 -26.97 21.24 31.93
C VAL B 210 -28.38 21.21 31.30
N ALA B 211 -29.37 21.83 31.99
CA ALA B 211 -30.78 21.73 31.57
C ALA B 211 -30.88 22.38 30.24
N GLY B 212 -31.62 21.76 29.35
CA GLY B 212 -31.76 22.37 28.04
C GLY B 212 -30.73 21.90 27.06
N ALA B 213 -29.65 21.31 27.52
CA ALA B 213 -28.51 20.95 26.61
C ALA B 213 -28.72 19.52 26.20
N ALA B 214 -27.73 18.91 25.59
CA ALA B 214 -27.76 17.48 25.24
C ALA B 214 -26.63 16.82 25.95
N ALA B 215 -26.88 15.71 26.63
CA ALA B 215 -25.82 14.96 27.34
C ALA B 215 -25.08 14.15 26.32
N LEU B 216 -23.76 14.26 26.35
CA LEU B 216 -22.90 13.41 25.50
C LEU B 216 -22.70 12.10 26.27
N ARG B 217 -23.60 11.16 26.00
CA ARG B 217 -23.67 9.92 26.81
C ARG B 217 -22.57 8.91 26.51
N SER B 218 -22.07 8.88 25.30
CA SER B 218 -20.94 8.02 24.99
C SER B 218 -20.35 8.48 23.70
N VAL B 219 -19.07 8.15 23.56
CA VAL B 219 -18.33 8.48 22.37
C VAL B 219 -17.16 7.49 22.25
N PHE B 220 -16.85 7.03 21.03
CA PHE B 220 -15.67 6.19 20.87
C PHE B 220 -15.16 6.30 19.44
N THR B 221 -13.88 5.94 19.32
CA THR B 221 -13.32 5.81 17.97
C THR B 221 -12.53 4.53 17.91
N ARG B 222 -12.36 3.90 16.75
CA ARG B 222 -11.61 2.66 16.71
C ARG B 222 -11.06 2.43 15.32
N LEU B 223 -9.75 2.24 15.24
CA LEU B 223 -9.12 1.87 14.02
C LEU B 223 -9.35 0.41 13.76
N VAL B 224 -9.85 0.03 12.57
CA VAL B 224 -10.10 -1.38 12.25
C VAL B 224 -9.54 -1.74 10.89
N GLY B 225 -8.60 -0.97 10.44
CA GLY B 225 -8.04 -1.18 9.06
C GLY B 225 -6.80 -2.04 8.92
N LEU B 226 -6.47 -2.83 9.92
CA LEU B 226 -5.25 -3.66 9.86
C LEU B 226 -5.15 -4.46 8.57
N GLY B 227 -4.08 -4.24 7.83
CA GLY B 227 -3.78 -5.00 6.59
C GLY B 227 -4.59 -4.54 5.40
N ARG B 228 -5.49 -3.54 5.58
CA ARG B 228 -6.26 -3.00 4.46
C ARG B 228 -5.57 -1.84 3.73
N GLU B 229 -5.72 -1.80 2.42
CA GLU B 229 -5.30 -0.65 1.66
C GLU B 229 -6.13 0.56 2.15
N PRO B 230 -5.51 1.74 2.22
CA PRO B 230 -6.25 2.96 2.50
C PRO B 230 -7.41 3.13 1.58
N GLY B 231 -8.53 3.60 2.09
CA GLY B 231 -9.66 4.00 1.28
C GLY B 231 -9.62 5.35 0.66
N ALA B 232 -8.72 6.22 1.16
CA ALA B 232 -8.61 7.60 0.67
C ALA B 232 -7.26 8.09 1.11
N THR B 233 -6.65 8.96 0.29
CA THR B 233 -5.34 9.48 0.62
C THR B 233 -5.31 10.93 0.20
N LEU B 234 -4.49 11.70 0.92
CA LEU B 234 -4.36 13.12 0.67
C LEU B 234 -2.92 13.50 1.02
N GLU B 235 -2.24 14.04 0.02
CA GLU B 235 -0.81 14.37 0.17
C GLU B 235 -0.59 15.82 0.54
N TRP B 236 0.56 16.14 1.13
CA TRP B 236 1.07 17.53 1.17
C TRP B 236 2.43 17.57 0.54
N PHE B 237 2.84 18.73 -0.01
CA PHE B 237 4.15 18.81 -0.65
C PHE B 237 5.08 19.81 0.03
N GLY B 238 6.35 19.47 0.03
CA GLY B 238 7.34 20.46 0.51
C GLY B 238 7.60 21.54 -0.55
N PRO B 239 8.48 22.46 -0.20
CA PRO B 239 8.67 23.57 -1.08
C PRO B 239 9.39 23.24 -2.39
N THR B 240 10.15 22.17 -2.46
CA THR B 240 10.86 21.90 -3.70
C THR B 240 10.63 20.55 -4.31
N GLU B 241 9.85 19.65 -3.71
CA GLU B 241 9.67 18.30 -4.20
C GLU B 241 8.91 18.29 -5.52
N ASP B 242 9.19 17.31 -6.36
CA ASP B 242 8.34 17.09 -7.56
C ASP B 242 6.88 16.78 -7.08
N ARG B 243 5.92 17.44 -7.71
CA ARG B 243 4.50 17.31 -7.39
C ARG B 243 3.70 16.49 -8.42
N ASN B 244 4.35 15.60 -9.19
CA ASN B 244 3.59 14.81 -10.22
C ASN B 244 2.65 13.74 -9.61
N ARG B 245 3.00 13.19 -8.46
CA ARG B 245 2.19 12.15 -7.80
C ARG B 245 0.76 12.68 -7.53
N PRO B 246 -0.25 11.80 -7.63
CA PRO B 246 -1.62 12.25 -7.41
C PRO B 246 -1.79 12.74 -5.97
N ALA B 247 -2.39 13.90 -5.83
CA ALA B 247 -2.48 14.55 -4.53
C ALA B 247 -3.59 14.01 -3.66
N ALA B 248 -4.64 13.45 -4.27
CA ALA B 248 -5.76 12.89 -3.50
C ALA B 248 -6.23 11.66 -4.22
N THR B 249 -6.57 10.61 -3.49
CA THR B 249 -7.14 9.41 -4.10
C THR B 249 -8.25 8.90 -3.22
N GLU B 250 -9.13 8.08 -3.83
CA GLU B 250 -10.22 7.47 -3.09
C GLU B 250 -10.49 6.11 -3.73
N ASP B 251 -10.82 5.10 -2.91
CA ASP B 251 -11.11 3.79 -3.46
C ASP B 251 -12.62 3.61 -3.34
N TYR B 252 -13.34 4.11 -4.32
CA TYR B 252 -14.77 4.14 -4.28
C TYR B 252 -15.37 2.75 -4.13
N LYS B 253 -14.77 1.72 -4.73
CA LYS B 253 -15.32 0.37 -4.55
C LYS B 253 -15.21 -0.12 -3.13
N ALA B 254 -14.09 0.17 -2.50
CA ALA B 254 -13.88 -0.26 -1.09
C ALA B 254 -14.80 0.52 -0.19
N ILE B 255 -14.98 1.80 -0.48
CA ILE B 255 -15.87 2.66 0.36
C ILE B 255 -17.29 2.06 0.30
N GLU B 256 -17.75 1.75 -0.90
CA GLU B 256 -19.13 1.12 -0.97
C GLU B 256 -19.19 -0.28 -0.35
N ARG B 257 -18.11 -1.05 -0.41
CA ARG B 257 -18.03 -2.38 0.18
C ARG B 257 -18.05 -2.37 1.73
N HIS B 258 -17.44 -1.36 2.37
CA HIS B 258 -17.28 -1.36 3.79
C HIS B 258 -18.11 -0.38 4.57
N VAL B 259 -18.28 0.82 4.06
CA VAL B 259 -18.83 1.91 4.95
C VAL B 259 -20.21 1.64 5.55
N PRO B 260 -21.17 1.20 4.71
CA PRO B 260 -22.49 0.82 5.24
C PRO B 260 -22.41 -0.20 6.35
N ASP B 261 -21.65 -1.28 6.16
CA ASP B 261 -21.50 -2.21 7.23
C ASP B 261 -20.81 -1.71 8.53
N LEU B 262 -19.76 -0.90 8.37
CA LEU B 262 -19.09 -0.35 9.53
C LEU B 262 -20.06 0.58 10.28
N ALA B 263 -20.87 1.35 9.55
CA ALA B 263 -21.83 2.26 10.18
C ALA B 263 -22.86 1.51 10.97
N ALA B 264 -23.31 0.39 10.44
CA ALA B 264 -24.17 -0.46 11.19
C ALA B 264 -23.57 -1.09 12.45
N GLU B 265 -22.30 -1.48 12.41
CA GLU B 265 -21.60 -1.96 13.56
C GLU B 265 -21.50 -0.91 14.68
N VAL B 266 -21.32 0.36 14.31
CA VAL B 266 -21.23 1.42 15.30
C VAL B 266 -22.59 1.59 15.97
N VAL B 267 -23.66 1.58 15.15
CA VAL B 267 -24.99 1.72 15.74
C VAL B 267 -25.20 0.61 16.79
N GLU B 268 -24.91 -0.62 16.39
CA GLU B 268 -25.11 -1.76 17.28
C GLU B 268 -24.28 -1.64 18.56
N GLU B 269 -23.03 -1.19 18.45
CA GLU B 269 -22.19 -0.97 19.61
C GLU B 269 -22.67 0.10 20.59
N LEU B 270 -23.10 1.25 20.04
CA LEU B 270 -23.62 2.35 20.81
C LEU B 270 -24.88 1.92 21.58
N LEU B 271 -25.79 1.27 20.87
CA LEU B 271 -27.07 0.88 21.46
C LEU B 271 -26.82 -0.13 22.61
N GLY B 272 -25.90 -1.04 22.41
CA GLY B 272 -25.56 -2.12 23.36
C GLY B 272 -24.91 -1.56 24.61
N GLU B 273 -24.02 -0.57 24.46
CA GLU B 273 -23.26 0.02 25.57
C GLU B 273 -24.19 0.88 26.42
N LEU B 274 -25.14 1.59 25.79
CA LEU B 274 -26.07 2.48 26.48
C LEU B 274 -27.25 1.74 27.06
N GLY B 275 -27.48 0.53 26.58
CA GLY B 275 -28.74 -0.13 26.93
C GLY B 275 -29.98 0.44 26.33
N TRP B 276 -29.89 0.97 25.12
CA TRP B 276 -30.97 1.64 24.45
C TRP B 276 -31.59 0.73 23.40
N ALA B 277 -32.90 0.69 23.42
CA ALA B 277 -33.64 -0.06 22.44
C ALA B 277 -33.62 0.65 21.08
N ARG B 278 -33.43 -0.15 20.06
CA ARG B 278 -33.36 0.32 18.70
C ARG B 278 -34.57 1.14 18.31
N ASP B 279 -35.77 0.69 18.69
CA ASP B 279 -37.00 1.39 18.34
C ASP B 279 -37.34 2.64 19.17
N ASP B 280 -36.58 2.92 20.21
CA ASP B 280 -36.69 4.14 21.00
C ASP B 280 -35.71 5.25 20.55
N LEU B 281 -34.95 5.05 19.47
CA LEU B 281 -34.03 6.11 19.02
C LEU B 281 -34.78 7.15 18.24
N ASP B 282 -34.62 8.44 18.55
CA ASP B 282 -35.33 9.47 17.85
C ASP B 282 -34.65 9.98 16.58
N TYR B 283 -33.32 10.06 16.58
CA TYR B 283 -32.56 10.75 15.50
C TYR B 283 -31.31 9.96 15.26
N VAL B 284 -30.88 9.94 13.99
CA VAL B 284 -29.60 9.32 13.62
C VAL B 284 -28.89 10.33 12.71
N LEU B 285 -27.59 10.52 12.97
CA LEU B 285 -26.74 11.47 12.28
C LEU B 285 -25.74 10.61 11.57
N PRO B 286 -26.04 10.22 10.33
CA PRO B 286 -25.19 9.17 9.68
C PRO B 286 -24.03 9.76 8.91
N PRO B 287 -23.11 8.91 8.46
CA PRO B 287 -22.05 9.46 7.59
C PRO B 287 -22.59 10.25 6.40
N GLN B 288 -21.87 11.32 6.00
CA GLN B 288 -22.35 12.23 4.99
C GLN B 288 -21.37 12.27 3.80
N LEU B 289 -21.49 11.30 2.93
CA LEU B 289 -20.50 11.20 1.81
C LEU B 289 -21.05 11.76 0.51
N SER B 290 -22.29 11.45 0.26
CA SER B 290 -23.08 12.00 -0.81
C SER B 290 -24.54 11.68 -0.53
N GLY B 291 -25.43 12.31 -1.30
CA GLY B 291 -26.84 12.00 -1.20
C GLY B 291 -27.14 10.51 -1.38
N ARG B 292 -26.58 9.91 -2.43
CA ARG B 292 -26.77 8.48 -2.69
C ARG B 292 -26.18 7.55 -1.66
N MET B 293 -24.96 7.83 -1.24
CA MET B 293 -24.25 6.94 -0.33
C MET B 293 -24.93 7.02 1.04
N THR B 294 -25.29 8.25 1.43
CA THR B 294 -25.97 8.46 2.69
C THR B 294 -27.29 7.66 2.71
N ALA B 295 -28.03 7.61 1.59
CA ALA B 295 -29.24 6.77 1.59
C ALA B 295 -28.99 5.26 1.69
N LEU B 296 -27.94 4.75 1.05
CA LEU B 296 -27.52 3.39 1.13
C LEU B 296 -27.08 2.98 2.56
N ILE B 297 -26.39 3.91 3.20
CA ILE B 297 -25.98 3.67 4.58
C ILE B 297 -27.17 3.61 5.51
N VAL B 298 -28.05 4.59 5.37
CA VAL B 298 -29.24 4.65 6.24
C VAL B 298 -30.03 3.33 6.09
N GLU B 299 -30.19 2.81 4.89
CA GLU B 299 -30.86 1.53 4.75
C GLU B 299 -30.18 0.39 5.61
N ARG B 300 -28.84 0.35 5.61
CA ARG B 300 -28.09 -0.68 6.27
C ARG B 300 -28.22 -0.55 7.80
N LEU B 301 -28.52 0.63 8.31
CA LEU B 301 -28.58 0.87 9.78
C LEU B 301 -29.78 0.22 10.46
N LYS B 302 -30.89 0.05 9.75
CA LYS B 302 -32.07 -0.66 10.27
C LYS B 302 -32.58 0.08 11.49
N LEU B 303 -32.82 1.37 11.29
CA LEU B 303 -33.37 2.28 12.30
C LEU B 303 -34.57 2.93 11.67
N PRO B 304 -35.56 2.09 11.31
CA PRO B 304 -36.74 2.64 10.59
C PRO B 304 -37.58 3.71 11.37
N GLN B 305 -37.56 3.69 12.72
CA GLN B 305 -38.19 4.72 13.59
C GLN B 305 -37.36 6.03 13.84
N ALA B 306 -36.11 6.09 13.38
CA ALA B 306 -35.25 7.25 13.67
C ALA B 306 -35.32 8.23 12.53
N THR B 307 -35.36 9.50 12.85
CA THR B 307 -35.34 10.56 11.85
C THR B 307 -33.89 10.90 11.51
N GLU B 308 -33.56 10.95 10.24
CA GLU B 308 -32.20 11.18 9.76
C GLU B 308 -31.90 12.70 9.84
N VAL B 309 -30.68 13.04 10.27
CA VAL B 309 -30.22 14.42 10.32
C VAL B 309 -29.02 14.47 9.42
N SER B 310 -29.23 15.04 8.23
CA SER B 310 -28.26 15.00 7.16
C SER B 310 -28.11 16.40 6.57
N CYS B 311 -26.91 16.70 6.05
CA CYS B 311 -26.64 17.98 5.39
C CYS B 311 -25.93 17.91 4.04
N VAL B 312 -25.43 16.73 3.62
CA VAL B 312 -24.41 16.61 2.56
C VAL B 312 -25.04 17.07 1.23
N ALA B 313 -26.35 16.89 1.06
CA ALA B 313 -26.96 17.31 -0.22
C ALA B 313 -26.92 18.84 -0.39
N GLU B 314 -26.76 19.58 0.73
CA GLU B 314 -26.76 21.02 0.70
C GLU B 314 -25.37 21.67 0.88
N THR B 315 -24.45 20.99 1.57
CA THR B 315 -23.14 21.54 1.93
C THR B 315 -21.98 20.90 1.23
N GLY B 316 -22.22 19.70 0.71
CA GLY B 316 -21.21 18.73 0.25
C GLY B 316 -20.47 18.14 1.43
N ASN B 317 -19.54 17.25 1.13
CA ASN B 317 -18.79 16.61 2.20
C ASN B 317 -17.60 17.51 2.62
N ASN B 318 -17.72 18.14 3.78
CA ASN B 318 -16.68 18.99 4.33
C ASN B 318 -15.90 18.32 5.46
N GLY B 319 -15.89 16.99 5.42
CA GLY B 319 -14.90 16.21 6.22
C GLY B 319 -15.12 16.33 7.69
N ASN B 320 -14.17 16.93 8.39
CA ASN B 320 -14.34 17.13 9.82
C ASN B 320 -15.42 18.09 10.24
N GLY B 321 -15.96 18.84 9.33
CA GLY B 321 -17.01 19.77 9.60
C GLY B 321 -18.35 19.10 9.80
N ILE B 322 -18.50 17.96 9.14
CA ILE B 322 -19.82 17.35 9.00
C ILE B 322 -20.46 17.10 10.34
N VAL B 323 -19.73 16.48 11.27
CA VAL B 323 -20.36 16.18 12.59
C VAL B 323 -20.92 17.43 13.27
N PHE B 324 -20.18 18.56 13.18
CA PHE B 324 -20.63 19.75 13.83
C PHE B 324 -21.86 20.38 13.17
N LEU B 325 -21.95 20.30 11.84
CA LEU B 325 -23.15 20.74 11.15
C LEU B 325 -24.34 19.89 11.54
N GLN B 326 -24.12 18.58 11.68
CA GLN B 326 -25.15 17.65 12.15
C GLN B 326 -25.56 17.92 13.58
N LEU B 327 -24.58 18.21 14.44
CA LEU B 327 -24.87 18.58 15.86
C LEU B 327 -25.77 19.81 15.88
N GLU B 328 -25.46 20.79 15.03
CA GLU B 328 -26.19 22.08 14.98
C GLU B 328 -27.65 21.83 14.63
N ARG B 329 -27.85 21.01 13.60
CA ARG B 329 -29.22 20.61 13.19
C ARG B 329 -29.93 19.77 14.23
N ALA B 330 -29.24 18.84 14.88
CA ALA B 330 -29.78 17.91 15.83
C ALA B 330 -30.12 18.61 17.16
N LEU B 331 -29.26 19.52 17.64
CA LEU B 331 -29.52 20.20 18.89
C LEU B 331 -30.76 21.11 18.80
N ALA B 332 -31.04 21.60 17.62
CA ALA B 332 -32.22 22.43 17.39
C ALA B 332 -33.52 21.63 17.49
N ARG B 333 -33.43 20.35 17.20
CA ARG B 333 -34.60 19.45 17.20
C ARG B 333 -34.72 18.59 18.43
N LEU B 334 -33.64 18.33 19.17
CA LEU B 334 -33.63 17.33 20.26
C LEU B 334 -34.27 17.88 21.54
N ALA B 335 -35.42 17.34 21.91
CA ALA B 335 -36.12 17.74 23.10
C ALA B 335 -35.67 16.94 24.27
N GLY B 336 -36.11 17.38 25.44
CA GLY B 336 -35.82 16.63 26.68
C GLY B 336 -36.21 15.18 26.59
N GLY B 337 -35.27 14.29 26.87
CA GLY B 337 -35.50 12.85 26.91
C GLY B 337 -35.30 12.13 25.59
N GLN B 338 -35.23 12.89 24.50
CA GLN B 338 -35.08 12.29 23.17
C GLN B 338 -33.64 11.80 23.00
N ARG B 339 -33.42 10.87 22.11
CA ARG B 339 -32.12 10.19 22.01
C ARG B 339 -31.66 10.28 20.53
N ALA B 340 -30.35 10.48 20.33
CA ALA B 340 -29.73 10.56 19.01
C ALA B 340 -28.42 9.78 19.00
N LEU B 341 -28.12 9.15 17.86
CA LEU B 341 -26.80 8.58 17.63
C LEU B 341 -26.15 9.24 16.47
N GLY B 342 -24.86 9.49 16.61
CA GLY B 342 -24.06 9.92 15.43
C GLY B 342 -23.00 8.91 15.08
N VAL B 343 -22.70 8.86 13.80
CA VAL B 343 -21.84 7.84 13.25
C VAL B 343 -20.95 8.49 12.18
N SER B 344 -19.63 8.33 12.32
CA SER B 344 -18.66 8.85 11.34
C SER B 344 -17.76 7.70 10.99
N ILE B 345 -17.59 7.37 9.70
CA ILE B 345 -16.71 6.31 9.30
C ILE B 345 -15.67 6.94 8.35
N GLU B 346 -14.42 6.82 8.74
CA GLU B 346 -13.32 7.42 7.98
C GLU B 346 -12.66 6.38 7.14
N SER B 347 -12.73 6.57 5.82
CA SER B 347 -12.18 5.53 5.01
C SER B 347 -10.67 5.60 4.83
N SER B 348 -9.99 6.71 5.17
CA SER B 348 -8.51 6.75 5.01
C SER B 348 -7.76 5.51 5.44
N LYS B 349 -8.02 5.05 6.66
CA LYS B 349 -7.56 3.80 7.16
C LYS B 349 -8.61 3.01 7.94
N TRP B 350 -9.88 3.26 7.66
CA TRP B 350 -10.98 2.44 8.24
C TRP B 350 -11.08 2.63 9.76
N ILE B 351 -11.50 3.83 10.13
CA ILE B 351 -11.71 4.19 11.51
C ILE B 351 -13.19 4.36 11.73
N LYS B 352 -13.71 3.65 12.73
CA LYS B 352 -15.15 3.74 12.98
C LYS B 352 -15.28 4.56 14.27
N SER B 353 -16.30 5.41 14.28
CA SER B 353 -16.52 6.32 15.38
C SER B 353 -18.00 6.62 15.54
N GLY B 354 -18.34 6.91 16.76
CA GLY B 354 -19.68 7.30 17.03
C GLY B 354 -19.91 7.94 18.37
N PHE B 355 -21.12 8.49 18.54
CA PHE B 355 -21.48 9.12 19.79
C PHE B 355 -22.97 9.08 20.00
N ALA B 356 -23.40 9.34 21.24
CA ALA B 356 -24.82 9.28 21.58
C ALA B 356 -25.17 10.55 22.36
N LEU B 357 -26.34 11.07 22.09
CA LEU B 357 -26.83 12.27 22.74
C LEU B 357 -28.19 11.96 23.37
N GLU B 358 -28.43 12.51 24.55
CA GLU B 358 -29.77 12.50 25.16
C GLU B 358 -30.18 13.87 25.55
N GLY B 359 -31.38 14.31 25.15
CA GLY B 359 -31.87 15.67 25.54
C GLY B 359 -31.96 15.89 27.07
N VAL C 24 -0.24 6.34 36.64
CA VAL C 24 0.18 5.83 35.26
C VAL C 24 1.71 5.68 35.26
N SER C 25 2.18 4.51 34.85
CA SER C 25 3.58 4.20 34.78
C SER C 25 4.08 4.32 33.34
N VAL C 26 5.30 4.80 33.20
CA VAL C 26 5.99 4.80 31.93
C VAL C 26 6.92 3.58 31.99
N LEU C 27 6.58 2.54 31.19
CA LEU C 27 7.34 1.27 31.24
C LEU C 27 8.64 1.26 30.49
N SER C 28 8.75 2.09 29.43
CA SER C 28 9.92 2.11 28.56
C SER C 28 9.82 3.29 27.64
N ALA C 29 10.98 3.64 27.08
CA ALA C 29 11.03 4.60 26.01
C ALA C 29 12.15 4.17 25.12
N ALA C 30 12.04 4.51 23.82
CA ALA C 30 13.03 4.13 22.84
C ALA C 30 13.04 5.13 21.71
N SER C 31 14.10 5.10 20.96
CA SER C 31 14.27 6.02 19.86
C SER C 31 14.67 5.28 18.60
N ALA C 32 14.50 5.99 17.50
CA ALA C 32 14.99 5.55 16.21
C ALA C 32 15.49 6.74 15.51
N LEU C 33 16.79 6.68 15.22
CA LEU C 33 17.47 7.76 14.59
C LEU C 33 18.07 7.29 13.27
N PRO C 34 17.85 8.05 12.19
CA PRO C 34 18.11 7.53 10.85
C PRO C 34 19.61 7.72 10.52
N GLY C 35 20.23 6.65 10.08
CA GLY C 35 21.55 6.74 9.45
C GLY C 35 22.65 6.99 10.44
N PRO C 36 23.86 7.26 9.94
CA PRO C 36 25.00 7.56 10.79
C PRO C 36 24.95 8.94 11.44
N THR C 37 25.66 9.09 12.55
CA THR C 37 25.80 10.40 13.10
C THR C 37 26.54 11.14 11.98
N VAL C 38 26.15 12.39 11.80
CA VAL C 38 26.76 13.36 10.90
C VAL C 38 27.40 14.50 11.71
N ASP C 39 28.74 14.59 11.69
CA ASP C 39 29.43 15.61 12.51
C ASP C 39 29.58 16.90 11.75
N ASN C 40 30.00 17.95 12.43
CA ASN C 40 30.09 19.26 11.80
C ASN C 40 31.12 19.33 10.69
N ALA C 41 32.16 18.51 10.75
CA ALA C 41 33.21 18.51 9.70
C ALA C 41 32.57 18.05 8.42
N THR C 42 31.91 16.89 8.53
CA THR C 42 31.28 16.21 7.40
C THR C 42 30.18 17.05 6.79
N LEU C 43 29.44 17.78 7.63
CA LEU C 43 28.41 18.70 7.21
C LEU C 43 28.97 19.94 6.60
N GLY C 44 29.96 20.51 7.27
CA GLY C 44 30.68 21.65 6.72
C GLY C 44 31.23 21.35 5.34
N ARG C 45 31.79 20.16 5.14
CA ARG C 45 32.32 19.78 3.80
C ARG C 45 31.21 19.76 2.74
N ARG C 46 30.15 18.97 2.95
CA ARG C 46 29.00 19.01 2.01
C ARG C 46 28.43 20.41 1.81
N LEU C 47 28.48 21.29 2.81
CA LEU C 47 28.07 22.71 2.64
C LEU C 47 29.25 23.56 2.12
N ILE C 61 27.05 27.79 18.97
CA ILE C 61 25.91 26.85 18.78
C ILE C 61 25.94 25.66 19.72
N GLY C 62 27.03 24.88 19.68
CA GLY C 62 27.24 23.79 20.61
C GLY C 62 26.57 22.48 20.24
N THR C 63 26.15 22.34 18.99
CA THR C 63 25.51 21.12 18.48
C THR C 63 26.60 20.47 17.65
N ARG C 64 27.02 19.26 18.01
CA ARG C 64 28.20 18.62 17.43
C ARG C 64 27.91 17.58 16.33
N THR C 65 26.87 16.76 16.53
CA THR C 65 26.44 15.78 15.55
C THR C 65 24.92 15.86 15.42
N ARG C 66 24.40 15.26 14.37
CA ARG C 66 22.94 15.09 14.20
C ARG C 66 22.70 13.85 13.36
N HIS C 67 21.46 13.34 13.38
CA HIS C 67 21.04 12.33 12.43
C HIS C 67 20.13 12.96 11.38
N LEU C 68 20.30 12.52 10.13
CA LEU C 68 19.52 12.99 8.99
C LEU C 68 18.81 11.82 8.29
N ALA C 69 17.58 12.06 7.82
CA ALA C 69 16.82 11.02 7.12
C ALA C 69 17.30 10.88 5.69
N VAL C 70 18.14 11.76 5.26
CA VAL C 70 18.77 11.60 3.93
C VAL C 70 20.19 10.99 4.03
N ASP C 71 20.60 10.29 2.97
CA ASP C 71 22.03 10.05 2.68
C ASP C 71 22.70 11.42 2.36
N LEU C 72 23.78 11.78 3.07
CA LEU C 72 24.36 13.13 2.95
C LEU C 72 24.89 13.40 1.55
N ASP C 73 25.61 12.42 0.99
CA ASP C 73 26.28 12.63 -0.30
C ASP C 73 25.25 12.88 -1.43
N SER C 74 24.21 12.02 -1.53
CA SER C 74 23.18 12.14 -2.58
C SER C 74 22.05 13.15 -2.35
N GLY C 75 21.76 13.53 -1.10
CA GLY C 75 20.49 14.21 -0.79
C GLY C 75 19.21 13.34 -0.91
N GLU C 76 19.35 12.05 -1.21
CA GLU C 76 18.18 11.17 -1.38
C GLU C 76 17.60 10.71 -0.01
N ILE C 77 16.28 10.73 0.15
CA ILE C 77 15.62 10.18 1.38
C ILE C 77 15.79 8.67 1.58
N ARG C 78 16.30 8.29 2.75
CA ARG C 78 16.44 6.88 3.11
C ARG C 78 15.36 6.39 4.11
N HIS C 79 14.82 7.30 4.95
CA HIS C 79 13.90 6.88 6.04
C HIS C 79 12.72 7.82 6.07
N THR C 80 11.53 7.30 6.17
CA THR C 80 10.37 8.18 6.29
C THR C 80 10.04 8.27 7.81
N LEU C 81 9.13 9.18 8.10
CA LEU C 81 8.57 9.27 9.46
C LEU C 81 7.95 7.93 9.88
N ALA C 82 7.15 7.29 9.00
CA ALA C 82 6.48 6.02 9.37
C ALA C 82 7.50 4.94 9.61
N ASP C 83 8.58 4.89 8.81
CA ASP C 83 9.65 3.90 9.02
C ASP C 83 10.27 4.02 10.40
N LEU C 84 10.64 5.24 10.73
CA LEU C 84 11.23 5.51 12.03
C LEU C 84 10.29 5.27 13.22
N ALA C 85 9.03 5.65 13.07
CA ALA C 85 8.02 5.44 14.12
C ALA C 85 7.78 3.96 14.38
N HIS C 86 7.78 3.17 13.30
CA HIS C 86 7.67 1.72 13.45
C HIS C 86 8.89 1.18 14.23
N GLN C 87 10.09 1.60 13.88
CA GLN C 87 11.29 1.16 14.60
C GLN C 87 11.24 1.56 16.07
N ALA C 88 10.89 2.81 16.32
CA ALA C 88 10.82 3.30 17.72
C ALA C 88 9.79 2.55 18.51
N GLY C 89 8.62 2.37 17.90
CA GLY C 89 7.51 1.69 18.53
C GLY C 89 7.81 0.23 18.84
N SER C 90 8.45 -0.46 17.90
CA SER C 90 8.80 -1.86 18.12
C SER C 90 9.80 -1.91 19.27
N ARG C 91 10.73 -0.99 19.26
CA ARG C 91 11.77 -1.05 20.33
C ARG C 91 11.19 -0.74 21.67
N ALA C 92 10.29 0.23 21.76
CA ALA C 92 9.65 0.51 23.06
C ALA C 92 8.75 -0.61 23.57
N LEU C 93 7.94 -1.20 22.69
CA LEU C 93 7.14 -2.37 23.09
C LEU C 93 8.07 -3.51 23.61
N ASP C 94 9.16 -3.77 22.90
CA ASP C 94 10.08 -4.85 23.38
C ASP C 94 10.76 -4.54 24.69
N ALA C 95 11.18 -3.33 24.87
CA ALA C 95 11.75 -2.92 26.14
C ALA C 95 10.75 -2.97 27.32
N ALA C 96 9.47 -2.74 27.08
CA ALA C 96 8.45 -2.80 28.10
C ALA C 96 7.96 -4.25 28.33
N GLY C 97 8.32 -5.19 27.49
CA GLY C 97 7.80 -6.57 27.51
C GLY C 97 6.30 -6.63 27.20
N VAL C 98 5.86 -5.81 26.25
CA VAL C 98 4.45 -5.66 25.87
C VAL C 98 4.33 -6.03 24.38
N THR C 99 3.33 -6.84 24.05
CA THR C 99 3.12 -7.27 22.67
C THR C 99 2.16 -6.25 22.03
N PRO C 100 2.17 -6.20 20.68
CA PRO C 100 1.25 -5.21 20.08
C PRO C 100 -0.19 -5.52 20.35
N GLU C 101 -0.51 -6.80 20.51
CA GLU C 101 -1.89 -7.18 20.82
C GLU C 101 -2.40 -6.68 22.20
N GLU C 102 -1.48 -6.32 23.07
CA GLU C 102 -1.81 -5.82 24.40
C GLU C 102 -1.97 -4.31 24.37
N VAL C 103 -1.60 -3.68 23.28
CA VAL C 103 -1.78 -2.21 23.15
C VAL C 103 -3.25 -1.83 22.99
N ASP C 104 -3.76 -0.92 23.80
CA ASP C 104 -5.16 -0.48 23.84
C ASP C 104 -5.41 0.91 23.22
N LEU C 105 -4.35 1.64 22.93
CA LEU C 105 -4.42 3.11 22.54
C LEU C 105 -3.13 3.49 21.91
N VAL C 106 -3.16 4.20 20.76
CA VAL C 106 -1.99 4.74 20.13
C VAL C 106 -2.17 6.24 20.05
N VAL C 107 -1.12 7.00 20.43
CA VAL C 107 -1.18 8.45 20.25
C VAL C 107 0.16 8.89 19.72
N LEU C 108 0.16 9.67 18.63
CA LEU C 108 1.38 10.10 17.99
C LEU C 108 1.36 11.60 17.80
N GLY C 109 2.42 12.28 18.18
CA GLY C 109 2.60 13.72 17.90
C GLY C 109 3.66 14.00 16.85
N THR C 110 3.34 14.83 15.88
CA THR C 110 4.30 15.19 14.86
C THR C 110 3.94 16.56 14.27
N ALA C 111 4.91 17.26 13.71
CA ALA C 111 4.61 18.39 12.80
C ALA C 111 4.66 18.02 11.30
N THR C 112 5.19 16.85 11.00
CA THR C 112 5.55 16.47 9.64
C THR C 112 5.13 15.06 9.29
N PRO C 113 3.82 14.79 9.30
CA PRO C 113 3.32 13.47 8.96
C PRO C 113 3.67 13.13 7.50
N ASP C 114 3.79 11.85 7.22
CA ASP C 114 4.10 11.43 5.83
C ASP C 114 3.12 12.01 4.76
N ARG C 115 1.83 11.91 5.07
CA ARG C 115 0.76 12.42 4.26
C ARG C 115 -0.23 13.12 5.20
N LEU C 116 -1.19 13.85 4.63
CA LEU C 116 -2.35 14.37 5.39
C LEU C 116 -3.31 13.26 5.81
N MET C 117 -3.58 12.34 4.91
CA MET C 117 -4.38 11.15 5.19
C MET C 117 -3.94 10.01 4.34
N PRO C 118 -3.95 8.77 4.89
CA PRO C 118 -4.14 8.36 6.29
C PRO C 118 -3.08 8.95 7.16
N THR C 119 -3.40 9.00 8.45
CA THR C 119 -2.41 9.52 9.42
C THR C 119 -1.24 8.56 9.57
N THR C 120 -0.06 9.08 9.97
CA THR C 120 1.01 8.22 10.39
C THR C 120 0.62 7.34 11.58
N ALA C 121 -0.20 7.85 12.50
CA ALA C 121 -0.60 7.03 13.61
C ALA C 121 -1.30 5.72 13.15
N THR C 122 -2.20 5.84 12.20
CA THR C 122 -2.91 4.62 11.74
C THR C 122 -1.98 3.70 10.91
N VAL C 123 -1.12 4.25 10.08
CA VAL C 123 -0.17 3.52 9.34
C VAL C 123 0.84 2.80 10.23
N VAL C 124 1.37 3.45 11.24
CA VAL C 124 2.35 2.83 12.12
C VAL C 124 1.66 1.76 13.00
N ALA C 125 0.44 2.01 13.47
CA ALA C 125 -0.34 0.95 14.13
C ALA C 125 -0.45 -0.34 13.27
N ASP C 126 -0.78 -0.18 12.02
CA ASP C 126 -0.81 -1.29 11.01
C ASP C 126 0.51 -2.00 10.93
N ARG C 127 1.59 -1.25 10.79
CA ARG C 127 2.94 -1.85 10.64
C ARG C 127 3.30 -2.67 11.88
N LEU C 128 2.91 -2.18 13.07
CA LEU C 128 3.12 -2.85 14.36
C LEU C 128 2.22 -4.01 14.65
N GLY C 129 1.16 -4.19 13.88
CA GLY C 129 0.11 -5.15 14.17
C GLY C 129 -0.85 -4.76 15.29
N ILE C 130 -0.96 -3.45 15.51
CA ILE C 130 -1.93 -2.91 16.50
C ILE C 130 -3.20 -2.56 15.75
N ASP C 131 -4.32 -3.09 16.25
CA ASP C 131 -5.63 -2.89 15.67
C ASP C 131 -6.73 -2.94 16.68
N GLY C 132 -7.89 -2.38 16.36
CA GLY C 132 -9.07 -2.47 17.21
C GLY C 132 -8.91 -1.55 18.37
N VAL C 133 -8.22 -0.41 18.13
CA VAL C 133 -7.91 0.58 19.20
C VAL C 133 -8.10 1.97 18.61
N PRO C 134 -8.32 2.93 19.48
CA PRO C 134 -8.26 4.34 19.03
C PRO C 134 -6.84 4.70 18.67
N ALA C 135 -6.67 5.47 17.61
CA ALA C 135 -5.34 5.88 17.18
C ALA C 135 -5.41 7.34 16.83
N TYR C 136 -4.83 8.17 17.66
CA TYR C 136 -4.94 9.61 17.53
C TYR C 136 -3.66 10.19 17.06
N GLN C 137 -3.74 11.25 16.25
CA GLN C 137 -2.49 11.92 15.86
C GLN C 137 -2.66 13.39 16.16
N LEU C 138 -1.72 13.96 16.90
CA LEU C 138 -1.70 15.37 17.16
C LEU C 138 -0.76 16.04 16.21
N GLN C 139 -1.14 17.26 15.82
CA GLN C 139 -0.33 18.07 14.93
C GLN C 139 0.20 19.23 15.79
N SER C 140 1.50 19.32 15.86
CA SER C 140 2.14 20.36 16.69
C SER C 140 3.61 20.41 16.42
N GLY C 141 4.23 21.51 16.79
CA GLY C 141 5.72 21.48 16.96
C GLY C 141 6.08 20.71 18.24
N CYS C 142 7.21 21.08 18.88
CA CYS C 142 7.84 20.15 19.84
C CYS C 142 7.04 19.78 21.10
N SER C 143 6.09 20.63 21.52
CA SER C 143 5.25 20.31 22.67
C SER C 143 4.25 19.17 22.38
N GLY C 144 4.11 18.79 21.13
CA GLY C 144 3.22 17.67 20.74
C GLY C 144 3.50 16.42 21.49
N ALA C 145 4.78 16.15 21.74
CA ALA C 145 5.15 14.98 22.58
C ALA C 145 4.50 15.01 24.01
N VAL C 146 4.48 16.18 24.65
CA VAL C 146 3.94 16.38 25.94
C VAL C 146 2.42 16.42 25.83
N GLN C 147 1.87 16.98 24.75
CA GLN C 147 0.44 16.89 24.51
C GLN C 147 0.05 15.43 24.40
N ALA C 148 0.88 14.63 23.70
CA ALA C 148 0.53 13.22 23.54
C ALA C 148 0.50 12.51 24.88
N LEU C 149 1.49 12.79 25.73
CA LEU C 149 1.46 12.26 27.08
C LEU C 149 0.25 12.67 27.90
N ALA C 150 -0.19 13.93 27.79
CA ALA C 150 -1.33 14.46 28.53
C ALA C 150 -2.64 13.77 28.10
N VAL C 151 -2.80 13.66 26.78
CA VAL C 151 -3.98 13.06 26.22
C VAL C 151 -4.04 11.55 26.64
N THR C 152 -2.88 10.92 26.57
CA THR C 152 -2.79 9.54 26.87
C THR C 152 -3.07 9.27 28.37
N ARG C 153 -2.44 10.07 29.23
CA ARG C 153 -2.66 9.91 30.65
C ARG C 153 -4.16 10.05 30.97
N SER C 154 -4.83 11.02 30.37
CA SER C 154 -6.26 11.20 30.59
C SER C 154 -7.10 9.99 30.17
N LEU C 155 -6.84 9.49 28.99
CA LEU C 155 -7.61 8.35 28.42
C LEU C 155 -7.38 7.09 29.22
N LEU C 156 -6.15 6.88 29.63
CA LEU C 156 -5.83 5.68 30.47
C LEU C 156 -6.55 5.75 31.79
N LEU C 157 -6.52 6.91 32.41
CA LEU C 157 -7.18 7.06 33.73
C LEU C 157 -8.70 7.09 33.68
N GLY C 158 -9.27 7.60 32.60
CA GLY C 158 -10.72 7.68 32.43
C GLY C 158 -11.39 6.47 31.88
N GLY C 159 -10.64 5.55 31.33
CA GLY C 159 -11.18 4.73 30.19
C GLY C 159 -10.92 3.31 30.55
N THR C 160 -11.53 2.36 29.86
CA THR C 160 -11.04 0.97 29.90
C THR C 160 -9.61 0.69 29.42
N ALA C 161 -8.95 1.59 28.63
CA ALA C 161 -7.62 1.29 28.12
C ALA C 161 -6.68 1.21 29.28
N ARG C 162 -5.79 0.25 29.21
CA ARG C 162 -4.81 -0.03 30.22
C ARG C 162 -3.38 0.13 29.80
N THR C 163 -3.06 0.03 28.51
CA THR C 163 -1.71 0.17 27.98
C THR C 163 -1.81 1.01 26.70
N ALA C 164 -0.90 1.98 26.56
CA ALA C 164 -0.83 2.88 25.41
C ALA C 164 0.59 2.92 24.88
N LEU C 165 0.68 3.14 23.58
CA LEU C 165 1.89 3.37 22.92
C LEU C 165 1.87 4.84 22.48
N VAL C 166 2.82 5.62 22.95
CA VAL C 166 2.87 7.04 22.64
C VAL C 166 4.09 7.29 21.77
N LEU C 167 3.93 8.03 20.67
CA LEU C 167 5.03 8.31 19.82
C LEU C 167 5.14 9.81 19.48
N GLY C 168 6.37 10.24 19.17
CA GLY C 168 6.61 11.62 18.73
C GLY C 168 7.84 11.67 17.88
N GLY C 169 7.81 12.45 16.82
CA GLY C 169 9.00 12.66 16.01
C GLY C 169 8.77 13.53 14.82
N ASP C 170 9.84 13.78 14.13
CA ASP C 170 9.78 14.66 12.97
C ASP C 170 10.88 14.28 11.96
N VAL C 171 10.51 14.42 10.69
CA VAL C 171 11.43 14.27 9.56
C VAL C 171 11.18 15.50 8.69
N VAL C 172 12.19 16.34 8.67
CA VAL C 172 12.14 17.60 7.97
C VAL C 172 12.96 17.64 6.67
N ALA C 173 13.26 16.47 6.14
CA ALA C 173 13.89 16.29 4.76
C ALA C 173 13.26 17.06 3.60
N ARG C 174 11.92 17.20 3.62
CA ARG C 174 11.24 17.99 2.57
C ARG C 174 11.60 19.47 2.65
N PHE C 175 12.20 19.92 3.76
CA PHE C 175 12.49 21.32 3.98
C PHE C 175 13.97 21.67 3.85
N TYR C 176 14.81 20.69 3.56
CA TYR C 176 16.22 20.97 3.43
C TYR C 176 16.78 20.23 2.23
N ASP C 177 17.77 20.81 1.56
CA ASP C 177 18.62 20.09 0.60
C ASP C 177 20.12 20.45 0.84
N VAL C 191 22.02 28.97 9.78
CA VAL C 191 22.16 28.54 11.16
C VAL C 191 21.15 27.43 11.43
N ASN C 192 19.97 27.52 10.81
CA ASN C 192 18.97 26.42 10.89
C ASN C 192 19.48 25.05 10.40
N TYR C 193 20.34 25.07 9.39
CA TYR C 193 20.84 23.81 8.79
C TYR C 193 21.80 23.06 9.74
N VAL C 194 22.34 23.72 10.77
CA VAL C 194 23.18 23.02 11.72
C VAL C 194 22.45 22.65 13.01
N LEU C 195 21.21 23.11 13.17
CA LEU C 195 20.45 22.95 14.43
C LEU C 195 19.59 21.68 14.40
N PHE C 196 19.05 21.34 13.24
CA PHE C 196 17.97 20.33 13.20
C PHE C 196 18.51 18.92 13.10
N GLY C 197 17.66 17.93 13.45
CA GLY C 197 17.94 16.57 13.04
C GLY C 197 16.58 15.89 12.83
N ASP C 198 16.61 14.67 12.35
CA ASP C 198 15.40 13.84 12.12
C ASP C 198 15.40 12.72 13.07
N GLY C 199 14.24 12.28 13.55
CA GLY C 199 14.21 11.15 14.47
C GLY C 199 12.83 11.02 15.10
N VAL C 200 12.55 9.84 15.63
CA VAL C 200 11.27 9.52 16.28
C VAL C 200 11.60 8.81 17.59
N GLY C 201 10.80 9.02 18.63
CA GLY C 201 10.84 8.13 19.78
C GLY C 201 9.48 7.73 20.22
N ALA C 202 9.43 6.80 21.16
CA ALA C 202 8.18 6.23 21.62
C ALA C 202 8.32 5.84 23.05
N ALA C 203 7.18 5.72 23.73
CA ALA C 203 7.12 5.23 25.12
C ALA C 203 5.90 4.42 25.34
N VAL C 204 5.97 3.48 26.25
CA VAL C 204 4.84 2.62 26.62
C VAL C 204 4.34 3.03 28.02
N LEU C 205 3.05 3.37 28.12
CA LEU C 205 2.37 3.81 29.37
C LEU C 205 1.37 2.77 29.79
N ARG C 206 1.29 2.50 31.12
CA ARG C 206 0.37 1.51 31.65
C ARG C 206 -0.29 2.02 32.90
N VAL C 207 -1.58 1.78 33.03
CA VAL C 207 -2.31 2.18 34.28
C VAL C 207 -1.78 1.39 35.47
N GLY C 208 -1.66 2.07 36.61
CA GLY C 208 -1.11 1.46 37.84
C GLY C 208 0.38 1.65 38.05
N GLU C 209 0.86 1.29 39.25
CA GLU C 209 2.26 1.42 39.64
C GLU C 209 2.93 0.12 39.33
N VAL C 210 3.93 0.18 38.46
CA VAL C 210 4.66 -0.98 38.10
C VAL C 210 6.05 -0.84 38.69
N ALA C 211 6.47 -1.84 39.46
CA ALA C 211 7.73 -1.76 40.16
C ALA C 211 8.87 -1.67 39.16
N GLY C 212 9.81 -0.78 39.37
CA GLY C 212 10.92 -0.57 38.44
C GLY C 212 10.66 0.41 37.29
N ALA C 213 9.39 0.82 37.14
CA ALA C 213 8.96 1.81 36.13
C ALA C 213 9.11 3.22 36.69
N ALA C 214 8.60 4.21 35.99
CA ALA C 214 8.56 5.56 36.51
C ALA C 214 7.10 6.00 36.48
N ALA C 215 6.64 6.61 37.55
CA ALA C 215 5.28 7.13 37.59
C ALA C 215 5.26 8.48 36.91
N LEU C 216 4.26 8.68 36.08
CA LEU C 216 4.03 9.98 35.47
C LEU C 216 3.10 10.74 36.42
N ARG C 217 3.73 11.52 37.32
CA ARG C 217 3.05 12.12 38.45
C ARG C 217 2.22 13.32 38.04
N SER C 218 2.63 14.02 36.99
CA SER C 218 1.83 15.15 36.51
C SER C 218 2.29 15.50 35.07
N VAL C 219 1.37 16.11 34.36
CA VAL C 219 1.67 16.53 32.98
C VAL C 219 0.70 17.65 32.64
N PHE C 220 1.17 18.69 31.97
CA PHE C 220 0.28 19.74 31.52
C PHE C 220 0.83 20.41 30.29
N THR C 221 -0.10 21.10 29.58
CA THR C 221 0.29 21.92 28.42
C THR C 221 -0.57 23.16 28.50
N ARG C 222 -0.05 24.30 28.03
CA ARG C 222 -0.82 25.54 28.14
C ARG C 222 -0.35 26.50 27.07
N LEU C 223 -1.30 26.99 26.29
CA LEU C 223 -1.02 28.02 25.27
C LEU C 223 -1.01 29.34 25.97
N VAL C 224 0.09 30.08 25.77
CA VAL C 224 0.22 31.42 26.39
C VAL C 224 0.74 32.41 25.35
N GLY C 225 0.16 32.33 24.18
CA GLY C 225 0.59 33.08 23.07
C GLY C 225 -0.35 34.21 22.64
N LEU C 226 -1.37 34.55 23.44
CA LEU C 226 -2.39 35.52 22.97
C LEU C 226 -1.70 36.87 22.59
N GLY C 227 -1.98 37.35 21.40
CA GLY C 227 -1.41 38.58 20.93
C GLY C 227 0.08 38.58 20.62
N ARG C 228 0.71 37.42 20.62
CA ARG C 228 2.11 37.30 20.26
C ARG C 228 2.18 36.62 18.91
N GLU C 229 2.91 37.23 18.00
CA GLU C 229 3.19 36.63 16.68
C GLU C 229 3.94 35.28 16.85
N PRO C 230 3.75 34.36 15.90
CA PRO C 230 4.41 33.09 15.97
C PRO C 230 5.92 33.19 16.09
N GLY C 231 6.53 32.38 16.95
CA GLY C 231 7.99 32.30 17.03
C GLY C 231 8.60 31.43 15.97
N ALA C 232 7.78 30.63 15.28
CA ALA C 232 8.29 29.77 14.24
C ALA C 232 7.12 29.36 13.34
N THR C 233 7.41 29.09 12.09
CA THR C 233 6.36 28.68 11.16
C THR C 233 6.90 27.59 10.26
N LEU C 234 5.97 26.78 9.75
CA LEU C 234 6.29 25.72 8.87
C LEU C 234 5.08 25.53 7.96
N GLU C 235 5.26 25.64 6.64
CA GLU C 235 4.20 25.59 5.66
C GLU C 235 4.08 24.23 4.97
N TRP C 236 2.92 23.89 4.47
CA TRP C 236 2.84 22.81 3.49
C TRP C 236 2.25 23.35 2.21
N PHE C 237 2.43 22.69 1.08
CA PHE C 237 1.89 23.18 -0.15
C PHE C 237 1.03 22.17 -0.85
N GLY C 238 0.02 22.67 -1.55
CA GLY C 238 -0.81 21.83 -2.40
C GLY C 238 -0.15 21.50 -3.70
N PRO C 239 -0.88 20.75 -4.56
CA PRO C 239 -0.28 20.30 -5.78
C PRO C 239 0.02 21.37 -6.89
N THR C 240 -0.66 22.47 -6.91
CA THR C 240 -0.44 23.49 -7.96
C THR C 240 -0.12 24.92 -7.45
N GLU C 241 -0.15 25.14 -6.15
CA GLU C 241 -0.04 26.49 -5.72
C GLU C 241 1.43 26.98 -5.85
N ASP C 242 1.56 28.31 -5.87
CA ASP C 242 2.86 28.99 -5.97
C ASP C 242 3.65 28.60 -4.68
N ARG C 243 4.88 28.19 -4.85
CA ARG C 243 5.73 27.81 -3.69
C ARG C 243 6.85 28.80 -3.31
N ASN C 244 6.73 30.08 -3.67
CA ASN C 244 7.80 31.04 -3.28
C ASN C 244 7.78 31.52 -1.80
N ARG C 245 6.64 31.54 -1.14
CA ARG C 245 6.56 31.96 0.26
C ARG C 245 7.50 31.08 1.09
N PRO C 246 8.23 31.66 2.05
CA PRO C 246 9.20 30.92 2.82
C PRO C 246 8.56 29.70 3.52
N ALA C 247 9.14 28.53 3.36
CA ALA C 247 8.47 27.33 3.86
C ALA C 247 8.64 27.23 5.34
N ALA C 248 9.66 27.91 5.91
CA ALA C 248 9.94 27.79 7.33
C ALA C 248 10.51 29.17 7.81
N THR C 249 10.02 29.67 8.93
CA THR C 249 10.52 30.90 9.50
C THR C 249 10.70 30.71 11.00
N GLU C 250 11.63 31.47 11.57
CA GLU C 250 11.82 31.51 13.01
C GLU C 250 12.13 32.96 13.44
N ASP C 251 11.67 33.35 14.62
CA ASP C 251 12.00 34.64 15.18
C ASP C 251 12.94 34.38 16.34
N TYR C 252 14.23 34.31 16.05
CA TYR C 252 15.21 33.94 17.12
C TYR C 252 15.33 34.94 18.28
N LYS C 253 15.09 36.20 18.02
CA LYS C 253 15.03 37.20 19.08
C LYS C 253 13.93 36.93 20.10
N ALA C 254 12.76 36.54 19.60
CA ALA C 254 11.57 36.28 20.48
C ALA C 254 11.83 34.99 21.19
N ILE C 255 12.45 34.02 20.50
CA ILE C 255 12.71 32.74 21.12
C ILE C 255 13.67 32.92 22.32
N GLU C 256 14.77 33.62 22.10
CA GLU C 256 15.69 33.93 23.22
C GLU C 256 15.00 34.77 24.31
N ARG C 257 14.07 35.64 23.97
CA ARG C 257 13.45 36.43 25.03
C ARG C 257 12.45 35.59 25.90
N HIS C 258 11.61 34.79 25.27
CA HIS C 258 10.54 34.14 25.96
C HIS C 258 10.86 32.71 26.50
N VAL C 259 11.60 31.92 25.74
CA VAL C 259 11.74 30.47 26.06
C VAL C 259 12.31 30.20 27.48
N PRO C 260 13.41 30.87 27.86
CA PRO C 260 13.96 30.62 29.23
C PRO C 260 12.98 30.96 30.34
N ASP C 261 12.29 32.10 30.24
CA ASP C 261 11.28 32.45 31.19
C ASP C 261 10.09 31.50 31.25
N LEU C 262 9.58 31.09 30.11
CA LEU C 262 8.54 30.03 30.08
C LEU C 262 8.98 28.74 30.74
N ALA C 263 10.20 28.32 30.47
CA ALA C 263 10.75 27.09 31.07
C ALA C 263 10.77 27.16 32.58
N ALA C 264 11.23 28.30 33.08
CA ALA C 264 11.21 28.53 34.54
C ALA C 264 9.82 28.54 35.15
N GLU C 265 8.82 29.12 34.44
CA GLU C 265 7.43 29.04 34.89
C GLU C 265 6.90 27.60 35.01
N VAL C 266 7.33 26.77 34.06
CA VAL C 266 6.89 25.33 34.05
C VAL C 266 7.45 24.60 35.25
N VAL C 267 8.75 24.78 35.48
CA VAL C 267 9.41 24.18 36.65
C VAL C 267 8.72 24.64 37.94
N GLU C 268 8.43 25.91 38.05
CA GLU C 268 7.82 26.42 39.31
C GLU C 268 6.44 25.83 39.52
N GLU C 269 5.67 25.75 38.43
CA GLU C 269 4.36 25.09 38.49
C GLU C 269 4.41 23.62 38.83
N LEU C 270 5.30 22.85 38.19
CA LEU C 270 5.36 21.38 38.45
C LEU C 270 5.72 21.08 39.93
N LEU C 271 6.73 21.76 40.43
CA LEU C 271 7.20 21.58 41.82
C LEU C 271 6.15 21.97 42.83
N GLY C 272 5.48 23.11 42.60
CA GLY C 272 4.46 23.57 43.55
C GLY C 272 3.24 22.69 43.59
N GLU C 273 2.86 22.07 42.47
CA GLU C 273 1.64 21.28 42.46
C GLU C 273 1.92 19.97 43.18
N LEU C 274 3.14 19.47 43.10
CA LEU C 274 3.56 18.24 43.76
C LEU C 274 4.10 18.42 45.17
N GLY C 275 4.38 19.65 45.59
CA GLY C 275 5.08 19.89 46.90
C GLY C 275 6.51 19.38 46.93
N TRP C 276 7.16 19.42 45.78
CA TRP C 276 8.49 18.93 45.65
C TRP C 276 9.46 20.09 45.81
N ALA C 277 10.53 19.88 46.57
CA ALA C 277 11.55 20.91 46.75
C ALA C 277 12.52 20.89 45.61
N ARG C 278 13.05 22.06 45.22
CA ARG C 278 14.09 22.10 44.20
C ARG C 278 15.33 21.29 44.47
N ASP C 279 15.73 21.24 45.72
CA ASP C 279 16.98 20.58 46.08
C ASP C 279 16.89 19.08 46.08
N ASP C 280 15.66 18.53 46.06
CA ASP C 280 15.42 17.11 45.96
C ASP C 280 15.11 16.62 44.50
N LEU C 281 15.34 17.46 43.50
CA LEU C 281 15.12 17.06 42.12
C LEU C 281 16.40 16.39 41.54
N ASP C 282 16.30 15.16 41.06
CA ASP C 282 17.46 14.45 40.57
C ASP C 282 17.84 14.68 39.13
N TYR C 283 16.84 14.84 38.25
CA TYR C 283 17.07 15.05 36.84
C TYR C 283 16.14 16.12 36.28
N VAL C 284 16.65 16.90 35.33
CA VAL C 284 15.84 17.83 34.60
C VAL C 284 16.04 17.52 33.12
N LEU C 285 14.92 17.54 32.36
CA LEU C 285 14.97 17.22 30.94
C LEU C 285 14.51 18.53 30.26
N PRO C 286 15.46 19.45 29.97
CA PRO C 286 15.07 20.80 29.53
C PRO C 286 14.81 20.88 28.04
N PRO C 287 14.26 21.99 27.54
CA PRO C 287 14.11 22.25 26.10
C PRO C 287 15.41 22.04 25.37
N GLN C 288 15.36 21.44 24.19
CA GLN C 288 16.56 21.14 23.43
C GLN C 288 16.66 21.81 22.08
N LEU C 289 17.00 23.09 22.09
CA LEU C 289 17.01 23.87 20.90
C LEU C 289 18.45 23.92 20.31
N SER C 290 19.45 24.15 21.16
CA SER C 290 20.83 23.99 20.74
C SER C 290 21.62 23.79 22.01
N GLY C 291 22.87 23.36 21.86
CA GLY C 291 23.80 23.34 22.99
C GLY C 291 23.82 24.62 23.81
N ARG C 292 23.99 25.76 23.16
CA ARG C 292 24.03 27.07 23.83
C ARG C 292 22.76 27.50 24.55
N MET C 293 21.65 27.30 23.86
CA MET C 293 20.36 27.73 24.36
C MET C 293 20.02 26.88 25.58
N THR C 294 20.36 25.60 25.54
CA THR C 294 20.17 24.72 26.70
C THR C 294 20.92 25.24 27.93
N ALA C 295 22.15 25.73 27.74
CA ALA C 295 22.90 26.40 28.82
C ALA C 295 22.17 27.59 29.41
N LEU C 296 21.64 28.42 28.53
CA LEU C 296 20.90 29.60 28.93
C LEU C 296 19.72 29.19 29.79
N ILE C 297 18.98 28.20 29.30
CA ILE C 297 17.76 27.81 29.94
C ILE C 297 18.08 27.18 31.29
N VAL C 298 19.04 26.27 31.32
CA VAL C 298 19.37 25.54 32.54
C VAL C 298 19.65 26.51 33.69
N GLU C 299 20.47 27.52 33.44
CA GLU C 299 20.74 28.59 34.39
C GLU C 299 19.45 29.24 34.96
N ARG C 300 18.55 29.69 34.08
CA ARG C 300 17.27 30.29 34.49
C ARG C 300 16.40 29.37 35.32
N LEU C 301 16.58 28.04 35.17
CA LEU C 301 15.77 27.07 35.92
C LEU C 301 16.06 27.09 37.40
N LYS C 302 17.26 27.49 37.77
CA LYS C 302 17.68 27.53 39.16
C LYS C 302 17.44 26.18 39.82
N LEU C 303 18.00 25.14 39.21
CA LEU C 303 17.96 23.76 39.74
C LEU C 303 19.40 23.29 39.91
N PRO C 304 20.13 23.98 40.81
CA PRO C 304 21.60 23.68 40.94
C PRO C 304 22.00 22.21 41.19
N GLN C 305 21.12 21.43 41.82
CA GLN C 305 21.33 20.03 42.17
C GLN C 305 20.93 18.97 41.15
N ALA C 306 20.26 19.36 40.09
CA ALA C 306 19.65 18.39 39.21
C ALA C 306 20.60 18.15 38.06
N THR C 307 20.66 16.94 37.59
CA THR C 307 21.43 16.58 36.44
C THR C 307 20.62 16.76 35.18
N GLU C 308 21.22 17.41 34.20
CA GLU C 308 20.56 17.67 32.94
C GLU C 308 20.61 16.40 32.09
N VAL C 309 19.48 16.04 31.48
CA VAL C 309 19.39 14.96 30.51
C VAL C 309 19.15 15.66 29.16
N SER C 310 20.15 15.61 28.29
CA SER C 310 20.18 16.41 27.06
C SER C 310 20.68 15.50 25.92
N CYS C 311 20.24 15.76 24.71
CA CYS C 311 20.66 15.00 23.56
C CYS C 311 20.94 15.82 22.32
N VAL C 312 20.56 17.09 22.29
CA VAL C 312 20.53 17.88 21.08
C VAL C 312 21.93 18.03 20.45
N ALA C 313 22.97 18.06 21.29
CA ALA C 313 24.35 18.13 20.79
C ALA C 313 24.75 16.89 19.99
N GLU C 314 24.12 15.78 20.22
CA GLU C 314 24.40 14.56 19.48
C GLU C 314 23.38 14.24 18.38
N THR C 315 22.11 14.67 18.57
CA THR C 315 21.02 14.21 17.64
C THR C 315 20.53 15.27 16.70
N GLY C 316 20.78 16.55 17.02
CA GLY C 316 20.11 17.69 16.43
C GLY C 316 18.72 17.84 17.09
N ASN C 317 18.07 18.98 16.88
CA ASN C 317 16.68 19.20 17.34
C ASN C 317 15.73 18.49 16.42
N ASN C 318 15.24 17.33 16.84
CA ASN C 318 14.26 16.63 16.06
C ASN C 318 12.83 16.85 16.54
N GLY C 319 12.58 17.95 17.19
CA GLY C 319 11.18 18.39 17.39
C GLY C 319 10.41 17.53 18.32
N ASN C 320 9.34 16.92 17.86
CA ASN C 320 8.56 16.08 18.75
C ASN C 320 9.30 14.81 19.27
N GLY C 321 10.36 14.45 18.61
CA GLY C 321 11.24 13.38 19.01
C GLY C 321 11.97 13.62 20.32
N ILE C 322 12.18 14.86 20.65
CA ILE C 322 13.18 15.21 21.70
C ILE C 322 12.73 14.68 23.04
N VAL C 323 11.45 14.88 23.38
CA VAL C 323 10.97 14.40 24.69
C VAL C 323 11.15 12.87 24.85
N PHE C 324 10.92 12.11 23.80
CA PHE C 324 11.05 10.66 23.86
C PHE C 324 12.52 10.23 23.95
N LEU C 325 13.40 10.94 23.30
CA LEU C 325 14.88 10.66 23.47
C LEU C 325 15.31 10.94 24.90
N GLN C 326 14.79 12.06 25.43
CA GLN C 326 15.08 12.40 26.83
C GLN C 326 14.51 11.42 27.78
N LEU C 327 13.29 10.95 27.52
CA LEU C 327 12.73 9.84 28.34
C LEU C 327 13.57 8.60 28.25
N GLU C 328 14.03 8.25 27.05
CA GLU C 328 14.80 7.03 26.89
C GLU C 328 16.07 7.12 27.79
N ARG C 329 16.66 8.30 27.78
CA ARG C 329 17.90 8.57 28.54
C ARG C 329 17.69 8.70 30.00
N ALA C 330 16.52 9.15 30.44
CA ALA C 330 16.20 9.30 31.86
C ALA C 330 15.74 8.03 32.51
N LEU C 331 14.92 7.23 31.80
CA LEU C 331 14.28 6.11 32.46
C LEU C 331 15.24 5.03 32.98
N ALA C 332 16.32 4.91 32.26
CA ALA C 332 17.36 3.96 32.48
C ALA C 332 18.38 4.52 33.45
N ARG C 333 18.08 5.65 34.07
CA ARG C 333 18.91 6.19 35.16
C ARG C 333 18.08 6.49 36.41
N LEU C 334 16.75 6.49 36.30
CA LEU C 334 15.89 6.91 37.37
C LEU C 334 15.57 5.78 38.35
N ALA C 335 16.28 5.75 39.46
CA ALA C 335 16.04 4.68 40.41
C ALA C 335 14.81 4.99 41.27
N GLY C 336 14.40 3.99 42.04
CA GLY C 336 13.26 4.09 42.94
C GLY C 336 13.36 5.29 43.84
N GLY C 337 12.30 6.10 43.87
CA GLY C 337 12.26 7.36 44.61
C GLY C 337 12.90 8.59 44.00
N GLN C 338 13.65 8.44 42.91
CA GLN C 338 14.29 9.56 42.29
C GLN C 338 13.27 10.33 41.42
N ARG C 339 13.50 11.62 41.30
CA ARG C 339 12.53 12.55 40.74
C ARG C 339 13.09 13.24 39.54
N ALA C 340 12.26 13.46 38.52
CA ALA C 340 12.71 14.20 37.34
C ALA C 340 11.58 15.12 36.89
N LEU C 341 11.93 16.24 36.30
CA LEU C 341 11.01 17.12 35.59
C LEU C 341 11.38 17.22 34.12
N GLY C 342 10.38 17.21 33.23
CA GLY C 342 10.55 17.43 31.79
C GLY C 342 9.87 18.74 31.40
N VAL C 343 10.50 19.48 30.54
CA VAL C 343 9.97 20.77 30.14
C VAL C 343 10.10 20.91 28.68
N SER C 344 8.99 21.25 27.99
CA SER C 344 9.05 21.46 26.52
C SER C 344 8.29 22.74 26.20
N ILE C 345 8.98 23.69 25.56
CA ILE C 345 8.43 24.99 25.19
C ILE C 345 8.41 25.09 23.68
N GLU C 346 7.23 25.30 23.14
CA GLU C 346 7.03 25.37 21.70
C GLU C 346 6.88 26.81 21.24
N SER C 347 7.82 27.27 20.42
CA SER C 347 7.79 28.64 19.96
C SER C 347 6.77 28.97 18.91
N SER C 348 6.20 28.00 18.23
CA SER C 348 5.34 28.33 17.13
C SER C 348 4.23 29.28 17.55
N LYS C 349 3.59 29.04 18.68
CA LYS C 349 2.65 29.97 19.19
C LYS C 349 2.74 30.06 20.69
N TRP C 350 3.90 29.72 21.26
CA TRP C 350 4.12 29.88 22.72
C TRP C 350 3.33 28.99 23.63
N ILE C 351 3.53 27.68 23.47
CA ILE C 351 2.92 26.68 24.30
C ILE C 351 3.97 26.19 25.29
N LYS C 352 3.66 26.27 26.57
CA LYS C 352 4.52 25.70 27.62
C LYS C 352 3.96 24.37 28.07
N SER C 353 4.83 23.41 28.39
CA SER C 353 4.41 22.10 28.76
C SER C 353 5.49 21.48 29.65
N GLY C 354 5.06 20.56 30.46
CA GLY C 354 5.96 19.79 31.26
C GLY C 354 5.29 18.63 31.92
N PHE C 355 6.17 17.90 32.58
CA PHE C 355 5.77 16.69 33.25
C PHE C 355 6.74 16.31 34.38
N ALA C 356 6.25 15.43 35.24
CA ALA C 356 7.06 14.97 36.40
C ALA C 356 7.06 13.46 36.46
N LEU C 357 8.25 12.89 36.69
CA LEU C 357 8.43 11.46 36.83
C LEU C 357 8.97 11.14 38.25
N GLU C 358 8.52 10.04 38.78
CA GLU C 358 9.06 9.50 40.03
C GLU C 358 9.37 8.05 39.82
N GLY C 359 10.60 7.67 40.14
CA GLY C 359 11.00 6.24 40.08
C GLY C 359 10.19 5.32 40.98
N VAL D 24 -15.82 -22.94 -26.39
CA VAL D 24 -15.61 -21.58 -25.68
C VAL D 24 -15.98 -20.38 -26.51
N SER D 25 -16.79 -19.47 -25.97
CA SER D 25 -17.19 -18.27 -26.69
C SER D 25 -16.52 -17.03 -26.24
N VAL D 26 -16.23 -16.15 -27.18
CA VAL D 26 -15.80 -14.81 -26.85
C VAL D 26 -17.02 -13.90 -26.79
N LEU D 27 -17.35 -13.41 -25.59
CA LEU D 27 -18.59 -12.57 -25.37
C LEU D 27 -18.39 -11.11 -25.69
N SER D 28 -17.16 -10.62 -25.58
CA SER D 28 -16.87 -9.22 -25.78
C SER D 28 -15.38 -9.05 -25.81
N ALA D 29 -14.96 -7.95 -26.42
CA ALA D 29 -13.60 -7.46 -26.27
C ALA D 29 -13.60 -5.94 -26.28
N ALA D 30 -12.68 -5.37 -25.55
CA ALA D 30 -12.60 -3.90 -25.42
C ALA D 30 -11.18 -3.47 -25.27
N SER D 31 -10.93 -2.17 -25.32
CA SER D 31 -9.62 -1.62 -25.25
C SER D 31 -9.59 -0.39 -24.42
N ALA D 32 -8.39 -0.01 -24.00
CA ALA D 32 -8.18 1.24 -23.30
C ALA D 32 -6.89 1.84 -23.78
N LEU D 33 -6.98 3.03 -24.38
CA LEU D 33 -5.81 3.67 -24.97
C LEU D 33 -5.61 4.99 -24.25
N PRO D 34 -4.38 5.29 -23.79
CA PRO D 34 -4.15 6.46 -22.93
C PRO D 34 -4.15 7.72 -23.79
N GLY D 35 -4.81 8.77 -23.31
CA GLY D 35 -4.63 10.11 -23.88
C GLY D 35 -5.11 10.27 -25.30
N PRO D 36 -4.79 11.43 -25.92
CA PRO D 36 -5.24 11.67 -27.32
C PRO D 36 -4.35 10.98 -28.35
N THR D 37 -4.83 10.86 -29.58
CA THR D 37 -3.94 10.50 -30.68
C THR D 37 -2.80 11.53 -30.83
N VAL D 38 -1.61 11.02 -31.12
CA VAL D 38 -0.40 11.80 -31.31
C VAL D 38 0.09 11.52 -32.72
N ASP D 39 -0.15 12.47 -33.64
CA ASP D 39 0.25 12.26 -35.01
C ASP D 39 1.73 12.53 -35.18
N ASN D 40 2.25 12.19 -36.36
CA ASN D 40 3.67 12.25 -36.68
C ASN D 40 4.22 13.69 -36.64
N ALA D 41 3.40 14.65 -37.04
CA ALA D 41 3.79 16.09 -37.04
C ALA D 41 4.13 16.48 -35.62
N THR D 42 3.19 16.19 -34.71
CA THR D 42 3.34 16.49 -33.30
C THR D 42 4.52 15.82 -32.67
N LEU D 43 4.71 14.53 -33.00
CA LEU D 43 5.86 13.78 -32.47
C LEU D 43 7.18 14.31 -33.01
N GLY D 44 7.22 14.63 -34.32
CA GLY D 44 8.35 15.29 -34.97
C GLY D 44 8.70 16.62 -34.27
N ARG D 45 7.68 17.44 -34.00
CA ARG D 45 7.92 18.72 -33.30
C ARG D 45 8.54 18.53 -31.89
N ARG D 46 7.95 17.66 -31.04
CA ARG D 46 8.45 17.42 -29.66
C ARG D 46 9.86 16.84 -29.66
N LEU D 47 10.19 16.08 -30.70
CA LEU D 47 11.56 15.59 -30.88
C LEU D 47 12.36 16.58 -31.74
N GLY D 62 4.95 3.38 -41.93
CA GLY D 62 3.58 3.82 -42.38
C GLY D 62 2.52 3.88 -41.27
N THR D 63 2.95 4.38 -40.14
CA THR D 63 2.18 4.44 -38.89
C THR D 63 1.93 5.93 -38.64
N ARG D 64 0.67 6.34 -38.77
CA ARG D 64 0.23 7.76 -38.77
C ARG D 64 0.07 8.38 -37.38
N THR D 65 -0.56 7.63 -36.46
CA THR D 65 -0.76 8.07 -35.10
C THR D 65 -0.52 6.93 -34.08
N ARG D 66 -0.46 7.32 -32.84
CA ARG D 66 -0.36 6.36 -31.74
C ARG D 66 -0.92 7.00 -30.47
N HIS D 67 -1.14 6.18 -29.46
CA HIS D 67 -1.43 6.67 -28.15
C HIS D 67 -0.23 6.40 -27.26
N LEU D 68 0.07 7.32 -26.35
CA LEU D 68 1.17 7.21 -25.44
C LEU D 68 0.62 7.44 -24.04
N ALA D 69 1.22 6.76 -23.06
CA ALA D 69 0.85 6.92 -21.69
C ALA D 69 1.53 8.15 -21.05
N VAL D 70 2.42 8.83 -21.79
CA VAL D 70 2.98 10.13 -21.30
C VAL D 70 2.20 11.28 -21.92
N ASP D 71 2.09 12.40 -21.21
CA ASP D 71 1.42 13.61 -21.78
C ASP D 71 2.36 14.24 -22.81
N GLU D 76 5.45 13.88 -18.55
CA GLU D 76 4.94 13.13 -17.37
C GLU D 76 4.05 11.92 -17.73
N ILE D 77 4.25 10.84 -17.00
CA ILE D 77 3.50 9.61 -17.19
C ILE D 77 2.15 9.80 -16.52
N ARG D 78 1.07 9.62 -17.27
CA ARG D 78 -0.30 9.85 -16.82
C ARG D 78 -1.17 8.55 -16.68
N HIS D 79 -0.71 7.42 -17.23
CA HIS D 79 -1.50 6.16 -17.19
C HIS D 79 -0.54 5.03 -16.99
N THR D 80 -0.85 4.15 -16.04
CA THR D 80 -0.06 2.94 -15.79
C THR D 80 -0.71 1.76 -16.49
N LEU D 81 0.05 0.68 -16.63
CA LEU D 81 -0.58 -0.58 -17.11
C LEU D 81 -1.82 -0.95 -16.32
N ALA D 82 -1.73 -0.89 -15.02
CA ALA D 82 -2.80 -1.29 -14.16
C ALA D 82 -4.04 -0.44 -14.41
N ASP D 83 -3.82 0.88 -14.54
CA ASP D 83 -4.98 1.83 -14.80
C ASP D 83 -5.71 1.47 -16.09
N LEU D 84 -4.92 1.22 -17.16
CA LEU D 84 -5.48 0.85 -18.43
C LEU D 84 -6.15 -0.55 -18.45
N ALA D 85 -5.56 -1.51 -17.75
CA ALA D 85 -6.14 -2.86 -17.67
C ALA D 85 -7.43 -2.84 -16.88
N HIS D 86 -7.47 -1.97 -15.87
CA HIS D 86 -8.69 -1.77 -15.11
C HIS D 86 -9.75 -1.24 -16.05
N GLN D 87 -9.42 -0.24 -16.85
CA GLN D 87 -10.44 0.34 -17.79
C GLN D 87 -10.89 -0.65 -18.81
N ALA D 88 -9.94 -1.38 -19.42
CA ALA D 88 -10.30 -2.33 -20.44
C ALA D 88 -11.12 -3.44 -19.90
N GLY D 89 -10.72 -3.93 -18.72
CA GLY D 89 -11.47 -5.03 -18.08
C GLY D 89 -12.90 -4.66 -17.75
N SER D 90 -13.05 -3.46 -17.25
CA SER D 90 -14.41 -2.96 -16.92
C SER D 90 -15.27 -2.84 -18.14
N ARG D 91 -14.72 -2.30 -19.22
CA ARG D 91 -15.43 -2.15 -20.45
C ARG D 91 -15.85 -3.51 -21.03
N ALA D 92 -14.92 -4.46 -21.04
CA ALA D 92 -15.22 -5.81 -21.49
C ALA D 92 -16.31 -6.48 -20.68
N LEU D 93 -16.25 -6.35 -19.36
CA LEU D 93 -17.24 -7.00 -18.49
C LEU D 93 -18.64 -6.34 -18.71
N ASP D 94 -18.65 -5.04 -18.81
CA ASP D 94 -19.92 -4.30 -19.15
C ASP D 94 -20.49 -4.74 -20.49
N ALA D 95 -19.66 -4.85 -21.52
CA ALA D 95 -20.12 -5.24 -22.85
C ALA D 95 -20.67 -6.64 -22.89
N ALA D 96 -20.09 -7.55 -22.10
CA ALA D 96 -20.52 -8.90 -22.02
C ALA D 96 -21.73 -9.09 -21.14
N GLY D 97 -22.06 -8.11 -20.32
CA GLY D 97 -23.16 -8.25 -19.36
C GLY D 97 -22.78 -9.19 -18.20
N VAL D 98 -21.48 -9.16 -17.83
CA VAL D 98 -20.92 -9.98 -16.77
C VAL D 98 -20.48 -9.09 -15.63
N THR D 99 -20.83 -9.44 -14.39
CA THR D 99 -20.39 -8.70 -13.26
C THR D 99 -19.01 -9.27 -12.77
N PRO D 100 -18.27 -8.47 -12.01
CA PRO D 100 -16.97 -8.96 -11.48
C PRO D 100 -17.10 -10.21 -10.65
N GLU D 101 -18.19 -10.30 -9.87
CA GLU D 101 -18.47 -11.46 -9.10
C GLU D 101 -18.66 -12.74 -9.91
N GLU D 102 -18.99 -12.61 -11.18
CA GLU D 102 -19.27 -13.75 -12.02
C GLU D 102 -17.97 -14.27 -12.65
N VAL D 103 -16.86 -13.56 -12.42
CA VAL D 103 -15.59 -14.03 -13.05
C VAL D 103 -14.99 -15.12 -12.24
N ASP D 104 -14.57 -16.22 -12.88
CA ASP D 104 -13.99 -17.37 -12.24
C ASP D 104 -12.46 -17.49 -12.43
N LEU D 105 -11.89 -16.63 -13.23
CA LEU D 105 -10.51 -16.78 -13.66
C LEU D 105 -10.06 -15.47 -14.29
N VAL D 106 -8.80 -15.04 -14.02
CA VAL D 106 -8.18 -13.84 -14.65
C VAL D 106 -6.86 -14.24 -15.24
N VAL D 107 -6.63 -13.93 -16.50
CA VAL D 107 -5.31 -14.22 -17.10
C VAL D 107 -4.89 -12.98 -17.83
N LEU D 108 -3.67 -12.48 -17.51
CA LEU D 108 -3.15 -11.28 -18.13
C LEU D 108 -1.79 -11.51 -18.79
N GLY D 109 -1.62 -11.07 -20.05
CA GLY D 109 -0.35 -11.15 -20.80
C GLY D 109 0.27 -9.76 -20.97
N THR D 110 1.57 -9.65 -20.64
CA THR D 110 2.28 -8.39 -20.79
C THR D 110 3.78 -8.66 -20.94
N ALA D 111 4.52 -7.72 -21.57
CA ALA D 111 5.96 -7.67 -21.41
C ALA D 111 6.47 -6.64 -20.37
N THR D 112 5.54 -5.83 -19.87
CA THR D 112 5.88 -4.63 -19.14
C THR D 112 5.02 -4.43 -17.89
N PRO D 113 5.02 -5.39 -16.95
CA PRO D 113 4.14 -5.22 -15.80
C PRO D 113 4.59 -4.04 -14.94
N ASP D 114 3.65 -3.42 -14.22
CA ASP D 114 3.92 -2.24 -13.35
C ASP D 114 5.11 -2.45 -12.39
N ARG D 115 5.17 -3.66 -11.78
CA ARG D 115 6.17 -4.08 -10.84
C ARG D 115 6.45 -5.53 -11.15
N LEU D 116 7.52 -6.08 -10.60
CA LEU D 116 7.78 -7.57 -10.68
C LEU D 116 6.80 -8.28 -9.74
N MET D 117 6.58 -7.70 -8.58
CA MET D 117 5.48 -8.21 -7.69
C MET D 117 4.96 -7.12 -6.82
N PRO D 118 3.66 -7.18 -6.45
CA PRO D 118 2.61 -8.07 -6.92
C PRO D 118 2.43 -7.92 -8.39
N THR D 119 1.85 -8.94 -8.99
CA THR D 119 1.53 -8.88 -10.38
C THR D 119 0.44 -7.90 -10.72
N THR D 120 0.48 -7.42 -11.96
CA THR D 120 -0.64 -6.63 -12.52
C THR D 120 -1.92 -7.37 -12.55
N ALA D 121 -1.90 -8.69 -12.85
CA ALA D 121 -3.10 -9.51 -12.78
C ALA D 121 -3.77 -9.43 -11.41
N THR D 122 -3.02 -9.57 -10.35
CA THR D 122 -3.68 -9.55 -9.03
C THR D 122 -4.18 -8.16 -8.64
N VAL D 123 -3.39 -7.14 -9.01
CA VAL D 123 -3.78 -5.76 -8.75
C VAL D 123 -5.02 -5.34 -9.52
N VAL D 124 -5.13 -5.72 -10.80
CA VAL D 124 -6.28 -5.36 -11.59
C VAL D 124 -7.48 -6.15 -11.13
N ALA D 125 -7.28 -7.40 -10.74
CA ALA D 125 -8.45 -8.14 -10.22
C ALA D 125 -8.99 -7.40 -8.97
N ASP D 126 -8.10 -6.92 -8.10
CA ASP D 126 -8.54 -6.19 -6.90
C ASP D 126 -9.34 -4.96 -7.32
N ARG D 127 -8.79 -4.20 -8.28
CA ARG D 127 -9.46 -2.94 -8.75
C ARG D 127 -10.85 -3.18 -9.32
N LEU D 128 -10.98 -4.31 -10.01
CA LEU D 128 -12.25 -4.76 -10.54
C LEU D 128 -13.22 -5.39 -9.55
N GLY D 129 -12.75 -5.73 -8.36
CA GLY D 129 -13.61 -6.40 -7.37
C GLY D 129 -13.65 -7.87 -7.58
N ILE D 130 -12.68 -8.44 -8.29
CA ILE D 130 -12.63 -9.89 -8.57
C ILE D 130 -11.75 -10.48 -7.49
N ASP D 131 -12.22 -11.52 -6.84
CA ASP D 131 -11.46 -12.16 -5.76
C ASP D 131 -11.89 -13.61 -5.61
N GLY D 132 -11.03 -14.41 -5.00
CA GLY D 132 -11.32 -15.80 -4.66
C GLY D 132 -11.25 -16.66 -5.91
N VAL D 133 -10.42 -16.23 -6.87
CA VAL D 133 -10.26 -16.92 -8.14
C VAL D 133 -8.77 -17.00 -8.49
N PRO D 134 -8.38 -17.93 -9.34
CA PRO D 134 -6.96 -17.91 -9.84
C PRO D 134 -6.75 -16.70 -10.70
N ALA D 135 -5.56 -16.11 -10.56
CA ALA D 135 -5.21 -14.92 -11.34
C ALA D 135 -3.76 -15.12 -11.82
N TYR D 136 -3.61 -15.38 -13.09
CA TYR D 136 -2.29 -15.73 -13.77
C TYR D 136 -1.79 -14.55 -14.55
N GLN D 137 -0.48 -14.35 -14.54
CA GLN D 137 0.10 -13.40 -15.42
C GLN D 137 1.22 -14.06 -16.23
N LEU D 138 1.13 -13.91 -17.57
CA LEU D 138 2.12 -14.39 -18.49
C LEU D 138 3.05 -13.27 -18.87
N GLN D 139 4.35 -13.60 -19.00
CA GLN D 139 5.36 -12.62 -19.43
C GLN D 139 5.76 -13.02 -20.84
N SER D 140 5.61 -12.10 -21.80
CA SER D 140 6.03 -12.33 -23.17
C SER D 140 5.94 -11.06 -23.94
N GLY D 141 6.50 -11.09 -25.14
CA GLY D 141 6.12 -10.10 -26.19
C GLY D 141 4.73 -10.34 -26.73
N CYS D 142 4.55 -9.98 -27.99
CA CYS D 142 3.21 -9.77 -28.52
C CYS D 142 2.33 -11.04 -28.62
N SER D 143 2.95 -12.24 -28.66
CA SER D 143 2.14 -13.47 -28.69
C SER D 143 1.57 -13.79 -27.28
N GLY D 144 1.98 -13.04 -26.24
CA GLY D 144 1.49 -13.29 -24.85
C GLY D 144 -0.04 -13.19 -24.80
N ALA D 145 -0.59 -12.35 -25.63
CA ALA D 145 -2.07 -12.31 -25.81
C ALA D 145 -2.72 -13.62 -26.26
N VAL D 146 -2.16 -14.29 -27.27
CA VAL D 146 -2.62 -15.55 -27.73
C VAL D 146 -2.32 -16.66 -26.74
N GLN D 147 -1.16 -16.56 -26.02
CA GLN D 147 -0.86 -17.51 -24.96
C GLN D 147 -1.94 -17.43 -23.87
N ALA D 148 -2.35 -16.20 -23.57
CA ALA D 148 -3.37 -15.97 -22.52
C ALA D 148 -4.67 -16.61 -22.97
N LEU D 149 -5.04 -16.41 -24.22
CA LEU D 149 -6.25 -17.07 -24.77
C LEU D 149 -6.15 -18.61 -24.74
N ALA D 150 -4.97 -19.15 -25.09
CA ALA D 150 -4.76 -20.58 -25.07
C ALA D 150 -4.88 -21.15 -23.63
N VAL D 151 -4.20 -20.56 -22.63
CA VAL D 151 -4.26 -20.98 -21.25
C VAL D 151 -5.71 -20.91 -20.77
N THR D 152 -6.38 -19.85 -21.13
CA THR D 152 -7.70 -19.64 -20.57
C THR D 152 -8.66 -20.67 -21.19
N ARG D 153 -8.58 -20.89 -22.49
CA ARG D 153 -9.41 -21.91 -23.18
C ARG D 153 -9.24 -23.23 -22.49
N SER D 154 -7.98 -23.58 -22.24
CA SER D 154 -7.70 -24.82 -21.56
C SER D 154 -8.34 -24.94 -20.18
N LEU D 155 -8.17 -23.92 -19.34
CA LEU D 155 -8.72 -23.96 -18.04
C LEU D 155 -10.27 -23.93 -18.00
N LEU D 156 -10.87 -23.19 -18.91
CA LEU D 156 -12.34 -23.21 -19.00
C LEU D 156 -12.81 -24.59 -19.40
N LEU D 157 -12.23 -25.20 -20.42
CA LEU D 157 -12.73 -26.56 -20.87
C LEU D 157 -12.43 -27.67 -19.91
N GLY D 158 -11.40 -27.52 -19.08
CA GLY D 158 -11.04 -28.61 -18.24
C GLY D 158 -11.62 -28.61 -16.84
N GLY D 159 -12.30 -27.57 -16.50
CA GLY D 159 -12.18 -27.14 -15.09
C GLY D 159 -13.48 -26.70 -14.59
N THR D 160 -13.47 -26.43 -13.32
CA THR D 160 -14.16 -25.36 -12.69
C THR D 160 -13.30 -24.06 -13.00
N ALA D 161 -13.57 -23.51 -14.17
CA ALA D 161 -13.99 -22.13 -14.33
C ALA D 161 -14.99 -22.17 -15.45
N ARG D 162 -15.96 -21.26 -15.44
CA ARG D 162 -16.91 -21.10 -16.51
C ARG D 162 -16.82 -19.78 -17.32
N THR D 163 -16.32 -18.68 -16.68
CA THR D 163 -16.24 -17.40 -17.25
C THR D 163 -14.85 -16.85 -16.85
N ALA D 164 -14.17 -16.29 -17.81
CA ALA D 164 -12.83 -15.74 -17.61
C ALA D 164 -12.72 -14.32 -18.19
N LEU D 165 -11.85 -13.51 -17.56
CA LEU D 165 -11.45 -12.24 -18.05
C LEU D 165 -10.00 -12.37 -18.49
N VAL D 166 -9.76 -12.10 -19.74
CA VAL D 166 -8.38 -12.20 -20.34
C VAL D 166 -7.98 -10.78 -20.73
N LEU D 167 -6.73 -10.43 -20.40
CA LEU D 167 -6.23 -9.11 -20.66
C LEU D 167 -4.87 -9.21 -21.31
N GLY D 168 -4.57 -8.19 -22.07
CA GLY D 168 -3.20 -8.07 -22.63
C GLY D 168 -2.85 -6.65 -22.95
N GLY D 169 -1.62 -6.25 -22.68
CA GLY D 169 -1.27 -4.84 -23.01
C GLY D 169 0.11 -4.52 -22.66
N ASP D 170 0.53 -3.30 -23.01
CA ASP D 170 1.92 -2.94 -22.69
C ASP D 170 1.95 -1.42 -22.58
N VAL D 171 2.79 -0.98 -21.70
CA VAL D 171 3.14 0.43 -21.53
C VAL D 171 4.65 0.53 -21.45
N VAL D 172 5.21 1.11 -22.48
CA VAL D 172 6.67 1.16 -22.65
C VAL D 172 7.29 2.54 -22.36
N ALA D 173 6.57 3.36 -21.56
CA ALA D 173 7.00 4.74 -21.16
C ALA D 173 8.33 4.75 -20.45
N ARG D 174 8.66 3.66 -19.74
CA ARG D 174 10.02 3.51 -19.20
C ARG D 174 11.12 3.36 -20.26
N PHE D 175 10.78 3.07 -21.51
CA PHE D 175 11.80 2.91 -22.52
C PHE D 175 11.91 4.09 -23.51
N TYR D 176 11.16 5.17 -23.28
CA TYR D 176 11.19 6.30 -24.24
C TYR D 176 11.19 7.65 -23.59
N TYR D 193 10.92 5.07 -31.81
CA TYR D 193 9.97 6.13 -31.43
C TYR D 193 8.69 6.29 -32.19
N VAL D 194 8.66 5.94 -33.46
CA VAL D 194 7.42 6.11 -34.24
C VAL D 194 6.59 4.83 -34.37
N LEU D 195 7.17 3.71 -33.93
CA LEU D 195 6.58 2.41 -34.13
C LEU D 195 5.65 2.05 -32.99
N PHE D 196 6.02 2.44 -31.77
CA PHE D 196 5.35 1.88 -30.59
C PHE D 196 4.11 2.73 -30.16
N GLY D 197 3.29 2.11 -29.32
CA GLY D 197 2.24 2.83 -28.61
C GLY D 197 1.96 2.05 -27.32
N ASP D 198 1.13 2.67 -26.49
CA ASP D 198 0.75 2.14 -25.16
C ASP D 198 -0.72 1.84 -25.18
N GLY D 199 -1.14 0.78 -24.48
CA GLY D 199 -2.52 0.37 -24.62
C GLY D 199 -2.77 -1.00 -23.99
N VAL D 200 -4.01 -1.24 -23.56
CA VAL D 200 -4.42 -2.55 -23.07
C VAL D 200 -5.77 -2.89 -23.63
N GLY D 201 -5.98 -4.18 -23.85
CA GLY D 201 -7.27 -4.69 -24.20
C GLY D 201 -7.65 -5.87 -23.37
N ALA D 202 -8.92 -6.27 -23.47
CA ALA D 202 -9.47 -7.33 -22.65
C ALA D 202 -10.60 -8.01 -23.37
N ALA D 203 -10.88 -9.23 -22.99
CA ALA D 203 -11.94 -10.08 -23.55
C ALA D 203 -12.56 -10.96 -22.47
N VAL D 204 -13.87 -11.24 -22.62
CA VAL D 204 -14.56 -12.11 -21.70
C VAL D 204 -14.84 -13.36 -22.45
N LEU D 205 -14.46 -14.49 -21.90
CA LEU D 205 -14.64 -15.81 -22.47
C LEU D 205 -15.54 -16.60 -21.55
N ARG D 206 -16.39 -17.40 -22.15
CA ARG D 206 -17.25 -18.33 -21.39
C ARG D 206 -17.40 -19.66 -22.08
N VAL D 207 -17.48 -20.71 -21.30
CA VAL D 207 -17.68 -22.08 -21.83
C VAL D 207 -19.04 -22.14 -22.49
N GLY D 208 -19.12 -22.86 -23.61
CA GLY D 208 -20.39 -23.06 -24.32
C GLY D 208 -20.40 -22.25 -25.59
N GLU D 209 -21.35 -22.55 -26.47
CA GLU D 209 -21.65 -21.70 -27.61
C GLU D 209 -22.77 -20.82 -27.09
N VAL D 210 -22.51 -19.52 -27.06
CA VAL D 210 -23.47 -18.54 -26.64
C VAL D 210 -23.96 -17.79 -27.88
N ALA D 211 -25.27 -17.83 -28.13
CA ALA D 211 -25.86 -17.12 -29.30
C ALA D 211 -25.47 -15.65 -29.35
N GLY D 212 -25.11 -15.18 -30.52
CA GLY D 212 -24.58 -13.84 -30.72
C GLY D 212 -23.10 -13.65 -30.46
N ALA D 213 -22.42 -14.63 -29.86
CA ALA D 213 -21.01 -14.44 -29.50
C ALA D 213 -20.13 -15.04 -30.64
N ALA D 214 -18.80 -15.14 -30.45
CA ALA D 214 -17.90 -15.67 -31.46
C ALA D 214 -17.27 -16.88 -30.83
N ALA D 215 -17.33 -18.01 -31.49
CA ALA D 215 -16.76 -19.24 -30.95
C ALA D 215 -15.23 -19.18 -31.16
N LEU D 216 -14.48 -19.53 -30.14
CA LEU D 216 -13.01 -19.66 -30.29
C LEU D 216 -12.73 -21.10 -30.70
N ARG D 217 -12.72 -21.32 -32.02
CA ARG D 217 -12.71 -22.64 -32.63
C ARG D 217 -11.34 -23.28 -32.49
N SER D 218 -10.28 -22.49 -32.49
CA SER D 218 -8.95 -23.08 -32.23
C SER D 218 -8.02 -21.97 -31.79
N VAL D 219 -6.97 -22.37 -31.08
CA VAL D 219 -5.94 -21.43 -30.69
C VAL D 219 -4.68 -22.25 -30.46
N PHE D 220 -3.53 -21.73 -30.83
CA PHE D 220 -2.30 -22.38 -30.47
C PHE D 220 -1.13 -21.41 -30.45
N THR D 221 -0.08 -21.84 -29.80
CA THR D 221 1.20 -21.10 -29.80
C THR D 221 2.31 -22.09 -29.92
N ARG D 222 3.39 -21.68 -30.52
CA ARG D 222 4.51 -22.59 -30.76
C ARG D 222 5.83 -21.88 -30.98
N LEU D 223 6.76 -22.18 -30.08
CA LEU D 223 8.16 -21.76 -30.19
C LEU D 223 8.82 -22.49 -31.35
N VAL D 224 9.39 -21.74 -32.28
CA VAL D 224 10.10 -22.31 -33.42
C VAL D 224 11.41 -21.54 -33.51
N GLY D 225 12.14 -21.53 -32.42
CA GLY D 225 13.32 -20.70 -32.24
C GLY D 225 14.65 -21.40 -32.10
N LEU D 226 14.74 -22.73 -32.17
CA LEU D 226 15.96 -23.40 -31.75
C LEU D 226 17.18 -23.00 -32.60
N GLY D 227 18.24 -22.54 -31.92
CA GLY D 227 19.45 -22.07 -32.57
C GLY D 227 19.34 -20.72 -33.20
N ARG D 228 18.18 -20.06 -33.20
CA ARG D 228 18.03 -18.75 -33.83
C ARG D 228 18.35 -17.68 -32.79
N GLU D 229 19.11 -16.68 -33.15
CA GLU D 229 19.26 -15.55 -32.25
C GLU D 229 17.91 -14.81 -32.04
N PRO D 230 17.74 -14.21 -30.85
CA PRO D 230 16.55 -13.41 -30.63
C PRO D 230 16.35 -12.35 -31.66
N GLY D 231 15.11 -12.13 -32.07
CA GLY D 231 14.79 -11.07 -33.00
C GLY D 231 14.50 -9.74 -32.35
N ALA D 232 14.31 -9.74 -31.03
CA ALA D 232 14.08 -8.51 -30.29
C ALA D 232 14.42 -8.79 -28.85
N THR D 233 14.86 -7.77 -28.14
CA THR D 233 15.21 -7.87 -26.76
C THR D 233 14.68 -6.66 -26.04
N LEU D 234 14.39 -6.89 -24.79
CA LEU D 234 13.91 -5.82 -23.89
C LEU D 234 14.40 -6.08 -22.51
N GLU D 235 15.18 -5.15 -21.94
CA GLU D 235 15.85 -5.37 -20.68
C GLU D 235 15.07 -4.74 -19.50
N TRP D 236 15.34 -5.22 -18.30
CA TRP D 236 14.97 -4.52 -17.01
C TRP D 236 16.15 -4.40 -16.12
N PHE D 237 16.20 -3.28 -15.39
CA PHE D 237 17.31 -3.01 -14.51
C PHE D 237 16.96 -3.03 -13.04
N GLY D 238 17.90 -3.41 -12.20
CA GLY D 238 17.84 -3.37 -10.82
C GLY D 238 18.20 -1.94 -10.32
N PRO D 239 18.11 -1.72 -9.02
CA PRO D 239 18.18 -0.38 -8.46
C PRO D 239 19.58 0.26 -8.49
N THR D 240 20.64 -0.54 -8.59
CA THR D 240 22.07 -0.03 -8.51
C THR D 240 22.99 -0.28 -9.73
N GLU D 241 22.62 -1.19 -10.59
CA GLU D 241 23.50 -1.53 -11.71
C GLU D 241 23.68 -0.49 -12.85
N ASP D 242 24.76 -0.67 -13.62
CA ASP D 242 25.09 0.18 -14.78
C ASP D 242 24.04 -0.08 -15.84
N ARG D 243 23.42 0.98 -16.33
CA ARG D 243 22.41 0.93 -17.37
C ARG D 243 22.85 1.46 -18.79
N ASN D 244 24.15 1.61 -19.07
CA ASN D 244 24.55 2.18 -20.39
C ASN D 244 24.68 1.07 -21.43
N ARG D 245 23.54 0.58 -21.88
CA ARG D 245 23.52 -0.46 -22.92
C ARG D 245 22.16 -0.47 -23.59
N PRO D 246 22.06 -1.11 -24.76
CA PRO D 246 20.77 -0.96 -25.40
C PRO D 246 19.68 -1.61 -24.55
N ALA D 247 18.68 -0.84 -24.19
CA ALA D 247 17.61 -1.40 -23.35
C ALA D 247 16.64 -2.27 -24.17
N ALA D 248 16.62 -2.03 -25.47
CA ALA D 248 15.75 -2.67 -26.42
C ALA D 248 16.49 -2.79 -27.76
N THR D 249 16.30 -3.89 -28.45
CA THR D 249 17.03 -4.18 -29.68
C THR D 249 16.07 -4.90 -30.59
N GLU D 250 16.27 -4.77 -31.89
CA GLU D 250 15.51 -5.55 -32.84
C GLU D 250 16.37 -5.83 -34.07
N ASP D 251 16.10 -6.96 -34.69
CA ASP D 251 16.81 -7.44 -35.89
C ASP D 251 15.83 -7.26 -37.01
N TYR D 252 15.81 -6.09 -37.64
CA TYR D 252 14.78 -5.79 -38.62
C TYR D 252 14.88 -6.69 -39.85
N LYS D 253 16.13 -7.06 -40.19
CA LYS D 253 16.40 -7.94 -41.33
C LYS D 253 15.80 -9.32 -41.11
N ALA D 254 16.02 -9.88 -39.94
CA ALA D 254 15.39 -11.16 -39.61
C ALA D 254 13.83 -11.07 -39.54
N ILE D 255 13.31 -9.97 -38.98
CA ILE D 255 11.86 -9.78 -38.84
C ILE D 255 11.17 -9.73 -40.22
N GLU D 256 11.69 -8.82 -41.08
CA GLU D 256 11.18 -8.66 -42.45
C GLU D 256 11.14 -9.95 -43.26
N ARG D 257 12.15 -10.79 -43.17
CA ARG D 257 12.23 -12.08 -43.89
C ARG D 257 11.37 -13.18 -43.24
N HIS D 258 11.41 -13.30 -41.93
CA HIS D 258 10.82 -14.44 -41.27
C HIS D 258 9.36 -14.24 -40.80
N VAL D 259 9.00 -13.04 -40.38
CA VAL D 259 7.57 -12.83 -39.87
C VAL D 259 6.53 -13.21 -40.89
N PRO D 260 6.63 -12.73 -42.17
CA PRO D 260 5.63 -13.09 -43.17
C PRO D 260 5.54 -14.57 -43.51
N ASP D 261 6.70 -15.26 -43.57
CA ASP D 261 6.70 -16.71 -43.74
C ASP D 261 6.05 -17.45 -42.59
N LEU D 262 6.37 -17.06 -41.36
CA LEU D 262 5.76 -17.70 -40.20
C LEU D 262 4.28 -17.37 -40.13
N ALA D 263 3.87 -16.15 -40.47
CA ALA D 263 2.43 -15.81 -40.51
C ALA D 263 1.66 -16.69 -41.49
N ALA D 264 2.23 -16.95 -42.68
CA ALA D 264 1.63 -17.88 -43.67
C ALA D 264 1.48 -19.32 -43.20
N GLU D 265 2.50 -19.82 -42.50
CA GLU D 265 2.46 -21.13 -41.89
C GLU D 265 1.37 -21.25 -40.85
N VAL D 266 1.17 -20.19 -40.04
CA VAL D 266 0.06 -20.21 -39.06
C VAL D 266 -1.30 -20.28 -39.77
N VAL D 267 -1.44 -19.52 -40.84
CA VAL D 267 -2.70 -19.53 -41.61
C VAL D 267 -2.96 -20.90 -42.19
N GLU D 268 -1.93 -21.49 -42.78
CA GLU D 268 -2.09 -22.82 -43.37
C GLU D 268 -2.47 -23.83 -42.31
N GLU D 269 -1.83 -23.81 -41.12
CA GLU D 269 -2.21 -24.66 -40.00
C GLU D 269 -3.61 -24.50 -39.45
N LEU D 270 -4.05 -23.28 -39.22
CA LEU D 270 -5.42 -23.05 -38.70
C LEU D 270 -6.48 -23.60 -39.67
N LEU D 271 -6.28 -23.30 -40.94
CA LEU D 271 -7.22 -23.69 -41.99
C LEU D 271 -7.26 -25.21 -42.12
N GLY D 272 -6.09 -25.84 -42.16
CA GLY D 272 -6.07 -27.27 -42.32
C GLY D 272 -6.63 -28.03 -41.13
N GLU D 273 -6.37 -27.58 -39.90
CA GLU D 273 -6.98 -28.25 -38.73
C GLU D 273 -8.51 -28.10 -38.66
N LEU D 274 -9.06 -26.98 -39.14
CA LEU D 274 -10.48 -26.70 -39.12
C LEU D 274 -11.21 -27.27 -40.35
N GLY D 275 -10.47 -27.58 -41.39
CA GLY D 275 -11.02 -27.98 -42.69
C GLY D 275 -11.73 -26.84 -43.36
N TRP D 276 -11.22 -25.62 -43.20
CA TRP D 276 -11.82 -24.42 -43.71
C TRP D 276 -11.13 -24.07 -44.95
N ALA D 277 -11.87 -23.54 -45.91
CA ALA D 277 -11.28 -23.14 -47.15
C ALA D 277 -10.86 -21.65 -47.13
N ARG D 278 -9.80 -21.35 -47.86
CA ARG D 278 -9.16 -20.04 -47.92
C ARG D 278 -10.15 -18.96 -48.42
N ASP D 279 -10.92 -19.31 -49.43
CA ASP D 279 -11.81 -18.35 -50.07
C ASP D 279 -13.08 -18.11 -49.24
N ASP D 280 -13.40 -19.02 -48.30
CA ASP D 280 -14.47 -18.88 -47.29
C ASP D 280 -14.10 -18.11 -46.00
N LEU D 281 -12.96 -17.42 -45.97
CA LEU D 281 -12.61 -16.66 -44.79
C LEU D 281 -13.08 -15.21 -44.94
N ASP D 282 -13.87 -14.73 -43.96
CA ASP D 282 -14.33 -13.34 -43.99
C ASP D 282 -13.36 -12.28 -43.49
N TYR D 283 -12.59 -12.56 -42.42
CA TYR D 283 -11.69 -11.58 -41.88
C TYR D 283 -10.35 -12.22 -41.50
N VAL D 284 -9.32 -11.44 -41.61
CA VAL D 284 -7.98 -11.79 -41.12
C VAL D 284 -7.42 -10.69 -40.23
N LEU D 285 -6.86 -11.08 -39.08
CA LEU D 285 -6.35 -10.19 -38.06
C LEU D 285 -4.83 -10.47 -38.05
N PRO D 286 -4.08 -9.78 -38.89
CA PRO D 286 -2.65 -10.15 -39.13
C PRO D 286 -1.73 -9.52 -38.12
N PRO D 287 -0.44 -9.92 -38.06
CA PRO D 287 0.50 -9.20 -37.23
C PRO D 287 0.56 -7.71 -37.53
N GLN D 288 0.71 -6.92 -36.49
CA GLN D 288 0.62 -5.45 -36.49
C GLN D 288 1.95 -4.73 -36.04
N LEU D 289 2.94 -4.76 -36.89
CA LEU D 289 4.26 -4.20 -36.53
C LEU D 289 4.41 -2.79 -37.07
N SER D 290 3.89 -2.56 -38.26
CA SER D 290 3.81 -1.17 -38.82
C SER D 290 2.91 -1.27 -39.98
N GLY D 291 2.53 -0.14 -40.56
CA GLY D 291 1.61 -0.16 -41.73
C GLY D 291 2.27 -0.93 -42.86
N ARG D 292 3.58 -0.73 -43.04
CA ARG D 292 4.33 -1.31 -44.15
C ARG D 292 4.46 -2.84 -44.02
N MET D 293 4.80 -3.30 -42.81
CA MET D 293 4.95 -4.74 -42.58
C MET D 293 3.60 -5.45 -42.72
N THR D 294 2.52 -4.78 -42.28
CA THR D 294 1.19 -5.33 -42.39
C THR D 294 0.80 -5.53 -43.86
N ALA D 295 1.04 -4.53 -44.68
CA ALA D 295 0.81 -4.69 -46.11
C ALA D 295 1.62 -5.87 -46.70
N LEU D 296 2.86 -6.00 -46.28
CA LEU D 296 3.72 -7.06 -46.78
C LEU D 296 3.24 -8.48 -46.36
N ILE D 297 2.81 -8.61 -45.11
CA ILE D 297 2.31 -9.89 -44.64
C ILE D 297 0.98 -10.24 -45.32
N VAL D 298 0.07 -9.28 -45.49
CA VAL D 298 -1.23 -9.62 -46.09
C VAL D 298 -1.05 -10.14 -47.51
N GLU D 299 -0.13 -9.54 -48.26
CA GLU D 299 0.20 -10.03 -49.62
C GLU D 299 0.73 -11.48 -49.55
N ARG D 300 1.58 -11.79 -48.57
CA ARG D 300 2.06 -13.15 -48.40
C ARG D 300 0.99 -14.16 -47.98
N LEU D 301 -0.06 -13.75 -47.25
CA LEU D 301 -1.03 -14.72 -46.72
C LEU D 301 -1.93 -15.38 -47.74
N LYS D 302 -2.11 -14.73 -48.90
CA LYS D 302 -2.95 -15.24 -49.98
C LYS D 302 -4.39 -15.49 -49.52
N LEU D 303 -5.00 -14.43 -48.97
CA LEU D 303 -6.41 -14.45 -48.52
C LEU D 303 -7.12 -13.29 -49.22
N PRO D 304 -7.22 -13.37 -50.57
CA PRO D 304 -7.78 -12.19 -51.29
C PRO D 304 -9.26 -11.87 -50.95
N GLN D 305 -10.04 -12.87 -50.54
CA GLN D 305 -11.43 -12.69 -50.13
C GLN D 305 -11.68 -12.11 -48.70
N ALA D 306 -10.64 -12.04 -47.88
CA ALA D 306 -10.80 -11.74 -46.47
C ALA D 306 -10.52 -10.26 -46.26
N THR D 307 -11.30 -9.64 -45.39
CA THR D 307 -11.07 -8.24 -45.03
C THR D 307 -10.10 -8.18 -43.88
N GLU D 308 -9.12 -7.30 -44.03
CA GLU D 308 -8.07 -7.11 -43.01
C GLU D 308 -8.59 -6.27 -41.86
N VAL D 309 -8.31 -6.71 -40.63
CA VAL D 309 -8.65 -6.00 -39.41
C VAL D 309 -7.32 -5.58 -38.79
N SER D 310 -6.98 -4.32 -38.94
CA SER D 310 -5.72 -3.77 -38.48
C SER D 310 -5.97 -2.50 -37.67
N CYS D 311 -5.01 -2.13 -36.83
CA CYS D 311 -5.08 -0.95 -36.00
C CYS D 311 -3.74 -0.22 -35.84
N VAL D 312 -2.65 -0.82 -36.29
CA VAL D 312 -1.34 -0.33 -35.89
C VAL D 312 -1.12 1.08 -36.47
N ALA D 313 -1.70 1.34 -37.63
CA ALA D 313 -1.53 2.66 -38.28
C ALA D 313 -2.15 3.79 -37.44
N GLU D 314 -3.18 3.46 -36.66
CA GLU D 314 -3.80 4.42 -35.73
C GLU D 314 -3.32 4.37 -34.29
N THR D 315 -2.90 3.19 -33.80
CA THR D 315 -2.61 3.00 -32.39
C THR D 315 -1.13 2.88 -32.05
N GLY D 316 -0.27 2.60 -33.03
CA GLY D 316 1.11 2.23 -32.77
C GLY D 316 1.11 0.74 -32.39
N ASN D 317 2.29 0.13 -32.34
CA ASN D 317 2.36 -1.29 -31.90
C ASN D 317 2.39 -1.32 -30.39
N ASN D 318 1.27 -1.75 -29.77
CA ASN D 318 1.19 -1.83 -28.32
C ASN D 318 1.34 -3.28 -27.79
N GLY D 319 2.05 -4.11 -28.58
CA GLY D 319 2.51 -5.40 -28.07
C GLY D 319 1.37 -6.31 -27.76
N ASN D 320 1.31 -6.74 -26.49
CA ASN D 320 0.24 -7.65 -26.08
C ASN D 320 -1.15 -7.06 -26.22
N GLY D 321 -1.25 -5.76 -26.35
CA GLY D 321 -2.58 -5.14 -26.59
C GLY D 321 -3.19 -5.41 -27.96
N ILE D 322 -2.35 -5.71 -28.95
CA ILE D 322 -2.81 -5.72 -30.34
C ILE D 322 -3.91 -6.70 -30.59
N VAL D 323 -3.73 -7.96 -30.16
CA VAL D 323 -4.67 -9.01 -30.42
C VAL D 323 -6.05 -8.60 -29.86
N PHE D 324 -6.03 -8.00 -28.68
CA PHE D 324 -7.32 -7.57 -28.06
C PHE D 324 -8.04 -6.40 -28.80
N LEU D 325 -7.27 -5.45 -29.28
CA LEU D 325 -7.79 -4.34 -30.18
C LEU D 325 -8.34 -4.91 -31.51
N GLN D 326 -7.65 -5.90 -32.08
CA GLN D 326 -8.17 -6.63 -33.17
C GLN D 326 -9.40 -7.40 -32.91
N LEU D 327 -9.47 -8.07 -31.75
CA LEU D 327 -10.66 -8.81 -31.37
C LEU D 327 -11.84 -7.87 -31.24
N GLU D 328 -11.62 -6.74 -30.60
CA GLU D 328 -12.68 -5.74 -30.46
C GLU D 328 -13.19 -5.31 -31.86
N ARG D 329 -12.28 -5.05 -32.75
CA ARG D 329 -12.69 -4.58 -34.10
C ARG D 329 -13.34 -5.67 -34.95
N ALA D 330 -12.85 -6.91 -34.80
CA ALA D 330 -13.47 -8.05 -35.42
C ALA D 330 -14.83 -8.37 -34.89
N LEU D 331 -15.02 -8.30 -33.57
CA LEU D 331 -16.30 -8.61 -33.01
C LEU D 331 -17.35 -7.53 -33.39
N ALA D 332 -16.89 -6.33 -33.70
CA ALA D 332 -17.78 -5.25 -34.19
C ALA D 332 -18.26 -5.48 -35.66
N ARG D 333 -17.63 -6.44 -36.33
CA ARG D 333 -17.99 -6.79 -37.73
C ARG D 333 -18.49 -8.21 -37.89
N LEU D 334 -18.16 -9.15 -37.00
CA LEU D 334 -18.42 -10.58 -37.19
C LEU D 334 -19.89 -10.97 -37.08
N ALA D 335 -20.51 -11.34 -38.19
CA ALA D 335 -21.88 -11.86 -38.19
C ALA D 335 -21.93 -13.36 -37.97
N GLY D 336 -23.13 -13.89 -37.69
CA GLY D 336 -23.33 -15.33 -37.50
C GLY D 336 -22.85 -16.09 -38.73
N GLY D 337 -22.06 -17.14 -38.52
CA GLY D 337 -21.42 -17.90 -39.61
C GLY D 337 -20.17 -17.33 -40.26
N GLN D 338 -19.79 -16.12 -39.96
CA GLN D 338 -18.64 -15.55 -40.61
C GLN D 338 -17.40 -16.09 -39.85
N ARG D 339 -16.29 -16.19 -40.56
CA ARG D 339 -15.10 -16.82 -40.05
C ARG D 339 -13.94 -15.83 -40.04
N ALA D 340 -13.08 -15.91 -39.00
CA ALA D 340 -12.00 -14.98 -38.85
C ALA D 340 -10.77 -15.80 -38.39
N LEU D 341 -9.63 -15.46 -38.95
CA LEU D 341 -8.31 -15.86 -38.39
C LEU D 341 -7.50 -14.72 -37.82
N GLY D 342 -6.90 -14.99 -36.66
CA GLY D 342 -5.93 -14.13 -36.03
C GLY D 342 -4.55 -14.75 -35.98
N VAL D 343 -3.55 -13.96 -36.23
CA VAL D 343 -2.11 -14.43 -36.33
C VAL D 343 -1.26 -13.45 -35.56
N SER D 344 -0.44 -13.96 -34.62
CA SER D 344 0.50 -13.16 -33.91
C SER D 344 1.85 -13.86 -33.96
N ILE D 345 2.88 -13.17 -34.42
CA ILE D 345 4.26 -13.71 -34.52
C ILE D 345 5.12 -12.87 -33.63
N GLU D 346 5.74 -13.50 -32.62
CA GLU D 346 6.65 -12.84 -31.72
C GLU D 346 8.09 -13.06 -32.17
N SER D 347 8.78 -11.97 -32.47
CA SER D 347 10.14 -12.03 -32.91
C SER D 347 11.15 -12.21 -31.79
N SER D 348 10.78 -12.01 -30.53
CA SER D 348 11.76 -12.08 -29.46
C SER D 348 12.57 -13.39 -29.51
N LYS D 349 11.86 -14.53 -29.61
CA LYS D 349 12.50 -15.84 -29.83
C LYS D 349 11.69 -16.73 -30.82
N TRP D 350 10.98 -16.09 -31.75
CA TRP D 350 10.31 -16.77 -32.88
C TRP D 350 9.21 -17.70 -32.35
N ILE D 351 8.17 -17.06 -31.84
CA ILE D 351 6.95 -17.74 -31.41
C ILE D 351 5.85 -17.45 -32.41
N LYS D 352 5.25 -18.49 -32.96
CA LYS D 352 4.16 -18.31 -33.88
C LYS D 352 2.91 -18.66 -33.16
N SER D 353 1.85 -17.91 -33.42
CA SER D 353 0.62 -18.18 -32.73
C SER D 353 -0.58 -17.69 -33.54
N GLY D 354 -1.73 -18.33 -33.30
CA GLY D 354 -2.92 -17.93 -33.98
C GLY D 354 -4.17 -18.53 -33.41
N PHE D 355 -5.27 -18.00 -33.88
CA PHE D 355 -6.56 -18.48 -33.46
C PHE D 355 -7.59 -18.32 -34.59
N ALA D 356 -8.72 -18.95 -34.34
CA ALA D 356 -9.88 -18.97 -35.32
C ALA D 356 -11.15 -18.62 -34.57
N LEU D 357 -12.01 -17.76 -35.18
CA LEU D 357 -13.30 -17.33 -34.59
C LEU D 357 -14.36 -17.67 -35.62
N GLU D 358 -15.49 -18.12 -35.14
CA GLU D 358 -16.68 -18.22 -36.00
C GLU D 358 -17.84 -17.55 -35.27
N GLY D 359 -18.51 -16.61 -35.96
CA GLY D 359 -19.73 -15.90 -35.44
C GLY D 359 -20.81 -16.89 -34.99
#